data_9I80
#
_entry.id   9I80
#
_cell.length_a   81.214
_cell.length_b   81.214
_cell.length_c   165.029
_cell.angle_alpha   90.000
_cell.angle_beta   90.000
_cell.angle_gamma   90.000
#
_symmetry.space_group_name_H-M   'P 41'
#
loop_
_entity.id
_entity.type
_entity.pdbx_description
1 polymer 'PA-I galactophilic lectin'
2 non-polymer 'CALCIUM ION'
3 non-polymer 'pentyl 3-[3-nitro-4,5-bis(oxidanyl)phenyl]carbonylbenzoate'
4 water water
#
_entity_poly.entity_id   1
_entity_poly.type   'polypeptide(L)'
_entity_poly.pdbx_seq_one_letter_code
;AWKGEVLANNEAGQVTSIIYNPGDVITIVAAGWASYGPTQKWGPQGDREHPDQGLICHDAFCGALVMKIGNSGTIPVNTG
LFRWVAPNNVQGAITLIYNDVPGTYGNNSGSFSVNIGKDQS
;
_entity_poly.pdbx_strand_id   A,B,C,D,E,F,G,H
#
# COMPACT_ATOMS: atom_id res chain seq x y z
N ALA A 1 -16.25 27.38 -11.47
CA ALA A 1 -14.86 27.07 -11.07
C ALA A 1 -14.29 28.43 -10.82
N TRP A 2 -13.18 28.47 -10.12
CA TRP A 2 -12.42 29.68 -9.92
C TRP A 2 -10.94 29.29 -10.02
N LYS A 3 -10.13 30.15 -10.62
CA LYS A 3 -8.70 29.94 -10.66
C LYS A 3 -8.03 31.27 -10.39
N GLY A 4 -7.06 31.27 -9.49
CA GLY A 4 -6.38 32.51 -9.24
C GLY A 4 -5.16 32.31 -8.35
N GLU A 5 -4.45 33.40 -8.13
CA GLU A 5 -3.27 33.36 -7.30
C GLU A 5 -3.59 33.87 -5.89
N VAL A 6 -2.93 33.29 -4.88
CA VAL A 6 -3.03 33.71 -3.48
C VAL A 6 -1.67 34.23 -3.02
N LEU A 7 -1.51 35.56 -2.87
CA LEU A 7 -0.22 36.11 -2.45
C LEU A 7 0.08 35.88 -0.98
N ALA A 8 1.37 35.56 -0.70
CA ALA A 8 1.71 35.29 0.70
C ALA A 8 1.65 36.55 1.58
N ASN A 9 1.74 37.74 0.96
CA ASN A 9 1.80 38.98 1.74
C ASN A 9 0.41 39.59 1.96
N ASN A 10 -0.63 38.97 1.38
CA ASN A 10 -1.97 39.50 1.42
C ASN A 10 -2.67 39.03 2.70
N GLU A 11 -2.61 39.83 3.78
CA GLU A 11 -3.13 39.50 5.10
C GLU A 11 -4.65 39.30 5.14
N ALA A 12 -5.31 40.00 4.27
CA ALA A 12 -6.73 39.87 4.15
C ALA A 12 -7.21 38.63 3.41
N GLY A 13 -6.35 38.05 2.55
CA GLY A 13 -6.74 36.84 1.87
C GLY A 13 -7.33 37.20 0.51
N GLN A 14 -7.37 36.20 -0.38
CA GLN A 14 -7.89 36.39 -1.71
C GLN A 14 -9.35 35.90 -1.76
N VAL A 15 -10.32 36.80 -1.98
CA VAL A 15 -11.73 36.37 -2.05
C VAL A 15 -11.87 35.61 -3.37
N THR A 16 -12.62 34.48 -3.41
CA THR A 16 -12.88 33.78 -4.65
C THR A 16 -14.29 34.09 -5.12
N SER A 17 -14.63 33.57 -6.30
CA SER A 17 -16.00 33.60 -6.82
C SER A 17 -16.86 32.50 -6.20
N ILE A 18 -16.29 31.63 -5.37
CA ILE A 18 -17.02 30.42 -5.00
C ILE A 18 -17.87 30.69 -3.75
N ILE A 19 -19.21 30.44 -3.88
CA ILE A 19 -20.09 30.49 -2.71
C ILE A 19 -20.39 29.05 -2.31
N TYR A 20 -19.88 28.62 -1.15
CA TYR A 20 -20.10 27.27 -0.68
C TYR A 20 -21.52 27.27 -0.12
N ASN A 21 -22.37 26.39 -0.69
CA ASN A 21 -23.73 26.27 -0.16
C ASN A 21 -23.94 24.89 0.45
N PRO A 22 -24.88 24.75 1.40
CA PRO A 22 -25.13 23.48 2.05
C PRO A 22 -25.24 22.36 1.03
N GLY A 23 -24.54 21.26 1.32
CA GLY A 23 -24.61 20.09 0.49
C GLY A 23 -23.58 20.11 -0.67
N ASP A 24 -22.89 21.24 -0.87
CA ASP A 24 -21.86 21.30 -1.91
C ASP A 24 -20.66 20.36 -1.69
N VAL A 25 -20.16 19.82 -2.80
CA VAL A 25 -18.99 18.97 -2.81
C VAL A 25 -17.98 19.73 -3.64
N ILE A 26 -16.77 20.00 -3.10
CA ILE A 26 -15.77 20.81 -3.77
C ILE A 26 -14.41 20.15 -3.85
N THR A 27 -13.70 20.53 -4.87
CA THR A 27 -12.33 20.12 -5.05
C THR A 27 -11.47 21.36 -5.18
N ILE A 28 -10.34 21.35 -4.42
CA ILE A 28 -9.33 22.41 -4.46
C ILE A 28 -7.96 21.78 -4.78
N VAL A 29 -7.19 22.39 -5.70
CA VAL A 29 -5.82 22.03 -5.99
C VAL A 29 -4.99 23.30 -5.85
N ALA A 30 -3.98 23.25 -4.97
CA ALA A 30 -3.06 24.36 -4.78
C ALA A 30 -1.64 23.94 -5.09
N ALA A 31 -0.91 24.87 -5.70
CA ALA A 31 0.47 24.64 -6.12
C ALA A 31 1.32 25.88 -5.90
N GLY A 32 2.63 25.69 -5.79
CA GLY A 32 3.54 26.81 -5.85
C GLY A 32 4.45 26.88 -4.64
N TRP A 33 5.10 28.04 -4.57
CA TRP A 33 6.17 28.26 -3.61
C TRP A 33 6.04 29.66 -3.02
N ALA A 34 6.10 29.74 -1.69
CA ALA A 34 6.05 31.06 -1.09
C ALA A 34 6.87 31.10 0.21
N SER A 35 7.01 32.30 0.79
CA SER A 35 7.80 32.48 2.03
C SER A 35 7.10 33.42 3.00
N TYR A 36 7.18 33.10 4.27
CA TYR A 36 6.64 33.94 5.35
C TYR A 36 7.75 34.88 5.86
N GLY A 37 8.86 34.98 5.11
CA GLY A 37 9.92 35.94 5.44
C GLY A 37 11.31 35.48 5.03
N PRO A 38 11.72 34.24 5.34
CA PRO A 38 13.01 33.74 4.89
C PRO A 38 13.22 33.67 3.39
N THR A 39 14.49 33.60 3.02
CA THR A 39 14.91 33.46 1.64
C THR A 39 14.44 32.14 1.00
N GLN A 40 14.37 31.06 1.80
CA GLN A 40 13.85 29.78 1.35
C GLN A 40 12.35 29.93 1.04
N LYS A 41 11.81 28.95 0.35
N LYS A 41 11.81 28.94 0.36
CA LYS A 41 10.40 28.91 0.01
CA LYS A 41 10.40 28.92 0.03
C LYS A 41 9.84 27.54 0.33
C LYS A 41 9.83 27.53 0.34
N TRP A 42 8.51 27.49 0.54
CA TRP A 42 7.81 26.28 0.95
C TRP A 42 6.54 26.17 0.12
N GLY A 43 6.08 24.95 0.06
CA GLY A 43 4.84 24.67 -0.67
C GLY A 43 3.60 24.78 0.19
N PRO A 44 2.43 24.49 -0.39
CA PRO A 44 1.14 24.80 0.25
C PRO A 44 0.91 24.18 1.61
N GLN A 45 1.71 23.18 2.02
CA GLN A 45 1.60 22.60 3.36
C GLN A 45 2.47 23.37 4.38
N GLY A 46 3.21 24.36 3.91
CA GLY A 46 4.02 25.22 4.75
C GLY A 46 5.25 24.54 5.33
N ASP A 47 5.75 25.13 6.41
CA ASP A 47 7.06 24.78 6.95
C ASP A 47 6.80 23.92 8.18
N ARG A 48 6.97 22.58 8.08
CA ARG A 48 6.62 21.68 9.16
C ARG A 48 7.63 21.77 10.32
N GLU A 49 8.67 22.59 10.20
CA GLU A 49 9.68 22.77 11.27
C GLU A 49 9.50 24.08 12.02
N HIS A 50 8.52 24.89 11.60
CA HIS A 50 8.40 26.20 12.16
C HIS A 50 7.42 26.14 13.31
N PRO A 51 7.75 26.74 14.46
CA PRO A 51 6.78 26.78 15.56
C PRO A 51 5.59 27.63 15.17
N ASP A 52 4.48 27.31 15.81
CA ASP A 52 3.28 28.14 15.76
C ASP A 52 3.30 29.14 16.93
N GLN A 53 3.63 30.41 16.67
CA GLN A 53 3.59 31.41 17.71
C GLN A 53 2.55 32.48 17.37
N GLY A 54 1.29 32.07 17.15
CA GLY A 54 0.20 32.99 16.87
C GLY A 54 -0.37 32.91 15.47
N LEU A 55 -0.31 31.73 14.83
CA LEU A 55 -0.76 31.62 13.43
C LEU A 55 -2.27 31.89 13.37
N ILE A 56 -2.77 32.35 12.22
CA ILE A 56 -4.21 32.46 12.01
C ILE A 56 -4.89 31.10 12.01
N CYS A 57 -4.13 30.02 11.74
CA CYS A 57 -4.70 28.68 11.74
C CYS A 57 -3.74 27.75 12.46
N HIS A 58 -4.20 27.27 13.64
CA HIS A 58 -3.36 26.41 14.47
C HIS A 58 -3.43 24.96 14.04
N ASP A 59 -4.22 24.64 13.00
CA ASP A 59 -4.29 23.26 12.52
C ASP A 59 -3.51 23.13 11.22
N ALA A 60 -2.72 24.16 10.87
CA ALA A 60 -1.80 24.05 9.71
C ALA A 60 -0.49 24.75 10.03
N PHE A 61 0.55 24.48 9.24
CA PHE A 61 1.86 25.03 9.53
C PHE A 61 1.93 26.46 9.03
N CYS A 62 2.93 27.15 9.55
CA CYS A 62 3.27 28.47 9.03
C CYS A 62 3.66 28.33 7.54
N GLY A 63 3.05 29.18 6.70
CA GLY A 63 3.24 29.12 5.26
C GLY A 63 2.24 28.22 4.51
N ALA A 64 1.34 27.54 5.18
CA ALA A 64 0.34 26.69 4.51
C ALA A 64 -0.84 27.50 4.00
N LEU A 65 -1.54 26.94 2.99
CA LEU A 65 -2.70 27.62 2.52
C LEU A 65 -3.84 27.26 3.45
N VAL A 66 -4.63 28.24 3.82
CA VAL A 66 -5.81 27.99 4.59
C VAL A 66 -6.95 28.77 3.96
N MET A 67 -8.17 28.58 4.48
CA MET A 67 -9.33 29.31 4.01
C MET A 67 -10.32 29.66 5.11
N LYS A 68 -11.21 30.62 4.81
CA LYS A 68 -12.40 30.83 5.61
C LYS A 68 -13.59 30.76 4.63
N ILE A 69 -14.71 30.28 5.09
CA ILE A 69 -15.92 30.19 4.27
C ILE A 69 -16.98 30.97 5.01
N GLY A 70 -17.44 32.04 4.43
CA GLY A 70 -18.36 32.91 5.15
C GLY A 70 -17.76 33.28 6.52
N ASN A 71 -18.57 33.16 7.58
CA ASN A 71 -18.16 33.52 8.95
C ASN A 71 -17.38 32.42 9.69
N SER A 72 -16.73 31.52 8.95
CA SER A 72 -16.13 30.40 9.61
C SER A 72 -14.77 30.81 10.20
N GLY A 73 -14.22 30.04 11.10
CA GLY A 73 -12.80 30.17 11.46
C GLY A 73 -11.96 29.62 10.30
N THR A 74 -10.62 29.70 10.43
CA THR A 74 -9.76 29.15 9.42
C THR A 74 -9.89 27.62 9.33
N ILE A 75 -9.73 27.10 8.12
CA ILE A 75 -9.88 25.70 7.82
C ILE A 75 -8.70 25.36 6.93
N PRO A 76 -7.94 24.32 7.25
CA PRO A 76 -6.82 23.95 6.36
C PRO A 76 -7.13 23.51 4.96
N VAL A 77 -6.36 24.02 3.99
CA VAL A 77 -6.44 23.63 2.60
C VAL A 77 -5.22 22.84 2.18
N ASN A 78 -4.02 23.30 2.55
CA ASN A 78 -2.80 22.63 2.18
C ASN A 78 -2.71 22.45 0.65
N THR A 79 -2.28 21.27 0.19
CA THR A 79 -2.17 21.04 -1.23
C THR A 79 -3.55 21.03 -1.86
N GLY A 80 -4.61 20.91 -1.07
CA GLY A 80 -5.94 20.80 -1.64
C GLY A 80 -6.89 19.82 -0.93
N LEU A 81 -8.12 19.73 -1.47
CA LEU A 81 -9.21 18.96 -0.90
C LEU A 81 -9.94 18.24 -2.01
N PHE A 82 -10.14 16.93 -1.86
CA PHE A 82 -10.70 16.17 -2.93
C PHE A 82 -12.14 15.81 -2.59
N ARG A 83 -13.09 16.30 -3.37
CA ARG A 83 -14.51 16.00 -3.17
C ARG A 83 -14.91 16.19 -1.70
N TRP A 84 -14.72 17.39 -1.24
CA TRP A 84 -14.82 17.68 0.18
C TRP A 84 -16.17 18.37 0.49
N VAL A 85 -16.68 18.12 1.69
CA VAL A 85 -17.89 18.73 2.23
C VAL A 85 -17.54 19.51 3.49
N ALA A 86 -18.15 20.67 3.67
CA ALA A 86 -17.75 21.56 4.73
C ALA A 86 -18.32 21.13 6.07
N PRO A 87 -17.70 21.62 7.18
CA PRO A 87 -18.21 21.35 8.53
C PRO A 87 -19.67 21.78 8.69
N ASN A 88 -20.41 21.30 9.73
CA ASN A 88 -21.76 21.74 10.02
C ASN A 88 -21.81 23.28 10.17
N ASN A 89 -22.83 23.91 9.61
CA ASN A 89 -23.12 25.33 9.74
C ASN A 89 -22.18 26.18 8.89
N VAL A 90 -21.35 25.57 8.02
CA VAL A 90 -20.37 26.38 7.34
C VAL A 90 -20.91 26.65 5.96
N GLN A 91 -21.03 27.92 5.61
CA GLN A 91 -21.46 28.33 4.29
C GLN A 91 -21.05 29.76 3.96
N GLY A 92 -20.96 30.04 2.66
CA GLY A 92 -20.71 31.40 2.21
C GLY A 92 -19.49 31.47 1.29
N ALA A 93 -19.04 32.68 1.08
CA ALA A 93 -17.93 32.95 0.18
C ALA A 93 -16.60 32.41 0.69
N ILE A 94 -15.84 31.79 -0.23
CA ILE A 94 -14.56 31.21 0.12
C ILE A 94 -13.47 32.25 -0.09
N THR A 95 -12.71 32.49 0.97
CA THR A 95 -11.53 33.35 0.97
C THR A 95 -10.33 32.48 1.25
N LEU A 96 -9.28 32.63 0.45
CA LEU A 96 -8.09 31.80 0.62
C LEU A 96 -7.02 32.65 1.30
N ILE A 97 -6.26 32.09 2.24
CA ILE A 97 -5.28 32.89 2.94
C ILE A 97 -4.03 32.14 3.22
N TYR A 98 -2.90 32.86 3.14
CA TYR A 98 -1.62 32.37 3.61
C TYR A 98 -1.56 32.33 5.13
N ASN A 99 -1.20 31.16 5.74
CA ASN A 99 -1.15 31.02 7.18
C ASN A 99 0.10 31.67 7.75
N ASP A 100 -0.06 32.83 8.41
CA ASP A 100 1.06 33.46 9.05
C ASP A 100 0.50 34.19 10.28
N VAL A 101 1.36 34.82 11.05
CA VAL A 101 0.95 35.49 12.29
C VAL A 101 0.42 36.86 11.91
N PRO A 102 -0.73 37.29 12.49
CA PRO A 102 -1.25 38.64 12.31
C PRO A 102 -0.20 39.70 12.46
N GLY A 103 -0.12 40.61 11.48
CA GLY A 103 0.84 41.70 11.57
C GLY A 103 2.24 41.43 11.02
N THR A 104 2.56 40.18 10.60
CA THR A 104 3.87 39.85 10.04
C THR A 104 3.79 39.48 8.56
N TYR A 105 2.80 39.99 7.84
CA TYR A 105 2.62 39.60 6.45
C TYR A 105 3.50 40.43 5.52
N GLY A 106 4.05 41.55 6.04
CA GLY A 106 4.76 42.51 5.21
C GLY A 106 6.00 41.96 4.56
N ASN A 107 6.63 40.96 5.17
CA ASN A 107 7.88 40.41 4.69
C ASN A 107 7.68 39.10 3.91
N ASN A 108 6.41 38.73 3.63
CA ASN A 108 6.11 37.50 2.91
C ASN A 108 6.43 37.75 1.44
N SER A 109 6.58 36.65 0.71
CA SER A 109 6.88 36.71 -0.71
C SER A 109 6.34 35.46 -1.39
N GLY A 110 5.99 35.60 -2.68
CA GLY A 110 5.47 34.49 -3.48
C GLY A 110 3.94 34.36 -3.41
N SER A 111 3.46 33.26 -3.97
CA SER A 111 2.05 33.09 -4.28
C SER A 111 1.79 31.60 -4.51
N PHE A 112 0.55 31.20 -4.26
CA PHE A 112 0.17 29.87 -4.66
C PHE A 112 -0.86 30.07 -5.74
N SER A 113 -0.83 29.24 -6.74
CA SER A 113 -1.87 29.17 -7.76
C SER A 113 -2.90 28.15 -7.31
N VAL A 114 -4.18 28.56 -7.33
CA VAL A 114 -5.21 27.71 -6.77
C VAL A 114 -6.37 27.57 -7.77
N ASN A 115 -6.90 26.37 -7.90
CA ASN A 115 -8.14 26.05 -8.60
C ASN A 115 -9.19 25.59 -7.60
N ILE A 116 -10.44 26.00 -7.78
CA ILE A 116 -11.57 25.47 -7.02
C ILE A 116 -12.69 25.13 -8.00
N GLY A 117 -13.24 23.92 -7.85
CA GLY A 117 -14.50 23.62 -8.51
C GLY A 117 -15.52 22.92 -7.66
N LYS A 118 -16.76 22.97 -8.10
CA LYS A 118 -17.86 22.19 -7.51
C LYS A 118 -17.95 20.86 -8.28
N ASP A 119 -18.08 19.79 -7.52
CA ASP A 119 -18.17 18.46 -8.04
C ASP A 119 -19.61 18.00 -8.13
N GLN A 120 -19.81 16.87 -8.83
CA GLN A 120 -21.15 16.38 -9.07
C GLN A 120 -21.65 15.85 -7.75
N SER A 121 -22.95 15.98 -7.55
CA SER A 121 -23.62 15.43 -6.40
C SER A 121 -24.97 14.86 -6.85
N ALA B 1 -13.17 6.64 -8.98
CA ALA B 1 -12.06 7.33 -8.28
C ALA B 1 -11.16 6.33 -7.61
N TRP B 2 -9.91 6.77 -7.40
CA TRP B 2 -8.93 5.92 -6.77
C TRP B 2 -8.34 6.77 -5.66
N LYS B 3 -8.18 6.14 -4.52
CA LYS B 3 -7.39 6.68 -3.42
C LYS B 3 -6.33 5.70 -2.97
N GLY B 4 -5.14 6.19 -2.63
CA GLY B 4 -4.19 5.27 -2.04
C GLY B 4 -2.94 6.02 -1.63
N GLU B 5 -1.97 5.24 -1.21
CA GLU B 5 -0.73 5.77 -0.66
C GLU B 5 0.36 5.47 -1.68
N VAL B 6 1.29 6.40 -1.81
CA VAL B 6 2.46 6.15 -2.64
C VAL B 6 3.69 6.22 -1.75
N LEU B 7 4.37 5.07 -1.54
CA LEU B 7 5.54 5.04 -0.67
C LEU B 7 6.75 5.61 -1.40
N ALA B 8 7.48 6.48 -0.73
CA ALA B 8 8.68 7.05 -1.30
C ALA B 8 9.66 5.95 -1.63
N ASN B 9 9.61 4.82 -0.92
CA ASN B 9 10.63 3.80 -1.09
C ASN B 9 10.21 2.75 -2.12
N ASN B 10 9.17 3.07 -2.94
CA ASN B 10 8.64 2.12 -3.91
C ASN B 10 9.12 2.46 -5.32
N GLU B 11 10.24 1.88 -5.74
CA GLU B 11 10.90 2.27 -6.96
C GLU B 11 10.04 1.93 -8.18
N ALA B 12 9.29 0.83 -8.10
CA ALA B 12 8.42 0.46 -9.20
C ALA B 12 7.23 1.39 -9.34
N GLY B 13 6.82 2.06 -8.26
CA GLY B 13 5.67 2.95 -8.33
C GLY B 13 4.39 2.20 -7.97
N GLN B 14 3.34 2.97 -7.69
CA GLN B 14 2.09 2.40 -7.26
C GLN B 14 1.12 2.47 -8.41
N VAL B 15 0.69 1.32 -8.89
CA VAL B 15 -0.30 1.29 -9.95
C VAL B 15 -1.66 1.64 -9.34
N THR B 16 -2.48 2.36 -10.12
CA THR B 16 -3.78 2.84 -9.68
C THR B 16 -4.77 2.07 -10.53
N SER B 17 -6.05 2.20 -10.20
CA SER B 17 -7.15 1.63 -10.98
C SER B 17 -7.55 2.53 -12.12
N ILE B 18 -6.92 3.68 -12.25
CA ILE B 18 -7.35 4.61 -13.26
C ILE B 18 -6.69 4.29 -14.61
N ILE B 19 -7.55 4.09 -15.64
CA ILE B 19 -7.11 3.94 -17.00
C ILE B 19 -7.43 5.24 -17.72
N TYR B 20 -6.40 5.95 -18.13
CA TYR B 20 -6.64 7.21 -18.85
C TYR B 20 -6.88 6.88 -20.33
N ASN B 21 -8.02 7.38 -20.79
CA ASN B 21 -8.38 7.25 -22.19
C ASN B 21 -8.35 8.63 -22.83
N PRO B 22 -8.20 8.66 -24.19
CA PRO B 22 -8.30 9.90 -24.96
C PRO B 22 -9.56 10.71 -24.64
N GLY B 23 -9.35 12.00 -24.47
CA GLY B 23 -10.45 12.89 -24.16
C GLY B 23 -10.72 12.99 -22.66
N ASP B 24 -10.20 12.06 -21.87
CA ASP B 24 -10.53 12.04 -20.44
C ASP B 24 -10.04 13.29 -19.73
N VAL B 25 -10.81 13.70 -18.71
CA VAL B 25 -10.44 14.83 -17.91
C VAL B 25 -10.30 14.33 -16.49
N ILE B 26 -9.13 14.53 -15.89
CA ILE B 26 -8.91 14.01 -14.57
C ILE B 26 -8.38 15.03 -13.55
N THR B 27 -8.67 14.76 -12.28
CA THR B 27 -8.15 15.57 -11.18
C THR B 27 -7.40 14.70 -10.19
N ILE B 28 -6.25 15.21 -9.73
CA ILE B 28 -5.38 14.53 -8.78
C ILE B 28 -5.07 15.51 -7.67
N VAL B 29 -5.19 15.04 -6.43
CA VAL B 29 -4.80 15.81 -5.27
C VAL B 29 -3.85 14.92 -4.49
N ALA B 30 -2.65 15.43 -4.19
CA ALA B 30 -1.64 14.72 -3.45
C ALA B 30 -1.28 15.52 -2.20
N ALA B 31 -1.08 14.80 -1.06
CA ALA B 31 -0.73 15.42 0.21
C ALA B 31 0.26 14.53 0.96
N GLY B 32 0.93 15.18 1.93
CA GLY B 32 1.75 14.51 2.91
C GLY B 32 3.25 14.82 2.81
N TRP B 33 4.02 13.94 3.43
CA TRP B 33 5.42 14.21 3.67
C TRP B 33 6.26 12.98 3.41
N ALA B 34 7.36 13.17 2.69
CA ALA B 34 8.24 12.05 2.46
C ALA B 34 9.70 12.50 2.33
N SER B 35 10.64 11.54 2.28
CA SER B 35 12.08 11.81 2.15
C SER B 35 12.78 10.83 1.20
N TYR B 36 13.79 11.34 0.49
CA TYR B 36 14.64 10.54 -0.35
C TYR B 36 15.89 10.09 0.42
N GLY B 37 15.90 10.28 1.74
CA GLY B 37 17.08 9.87 2.50
C GLY B 37 17.26 10.64 3.79
N PRO B 38 17.35 12.00 3.76
CA PRO B 38 17.46 12.80 4.95
C PRO B 38 16.40 12.60 6.02
N THR B 39 16.74 13.02 7.24
CA THR B 39 15.73 13.07 8.32
C THR B 39 14.63 14.09 8.03
N GLN B 40 14.95 15.13 7.24
CA GLN B 40 14.00 16.14 6.85
C GLN B 40 12.97 15.54 5.93
N LYS B 41 11.80 16.17 5.83
CA LYS B 41 10.77 15.73 4.90
C LYS B 41 10.29 16.85 4.00
N TRP B 42 9.83 16.44 2.81
CA TRP B 42 9.31 17.41 1.85
C TRP B 42 7.90 16.96 1.39
N GLY B 43 7.14 17.90 0.88
CA GLY B 43 5.82 17.60 0.32
C GLY B 43 5.91 17.15 -1.12
N PRO B 44 4.74 17.05 -1.77
CA PRO B 44 4.70 16.50 -3.12
C PRO B 44 5.42 17.21 -4.23
N GLN B 45 5.81 18.45 -4.03
CA GLN B 45 6.68 19.20 -4.93
C GLN B 45 8.17 18.91 -4.72
N GLY B 46 8.51 18.13 -3.72
CA GLY B 46 9.88 17.72 -3.44
C GLY B 46 10.73 18.84 -2.84
N ASP B 47 12.04 18.69 -3.02
CA ASP B 47 13.06 19.55 -2.46
C ASP B 47 13.65 20.41 -3.58
N ARG B 48 13.18 21.66 -3.68
CA ARG B 48 13.61 22.62 -4.65
C ARG B 48 15.10 22.98 -4.50
N GLU B 49 15.79 22.55 -3.43
CA GLU B 49 17.22 22.82 -3.30
C GLU B 49 18.09 21.62 -3.74
N HIS B 50 17.46 20.45 -4.02
CA HIS B 50 18.24 19.27 -4.36
C HIS B 50 18.58 19.33 -5.85
N PRO B 51 19.79 18.91 -6.25
CA PRO B 51 20.14 18.85 -7.67
C PRO B 51 19.39 17.76 -8.43
N ASP B 52 19.30 17.93 -9.73
CA ASP B 52 18.79 16.88 -10.62
C ASP B 52 19.99 16.04 -11.09
N GLN B 53 20.29 14.96 -10.42
CA GLN B 53 21.33 14.09 -10.91
C GLN B 53 20.66 12.70 -11.06
N GLY B 54 20.30 12.30 -12.29
CA GLY B 54 19.76 10.96 -12.55
C GLY B 54 18.34 10.69 -12.04
N LEU B 55 17.61 11.75 -11.69
CA LEU B 55 16.22 11.58 -11.29
C LEU B 55 15.44 10.93 -12.42
N ILE B 56 14.42 10.13 -12.03
CA ILE B 56 13.58 9.53 -13.04
C ILE B 56 12.81 10.62 -13.79
N CYS B 57 12.44 11.75 -13.19
CA CYS B 57 11.73 12.78 -13.93
C CYS B 57 12.54 14.05 -13.80
N HIS B 58 13.12 14.49 -14.93
CA HIS B 58 13.94 15.70 -14.98
C HIS B 58 13.09 16.96 -14.81
N ASP B 59 11.77 16.86 -14.98
CA ASP B 59 10.93 18.04 -14.95
C ASP B 59 10.35 18.29 -13.54
N ALA B 60 10.71 17.49 -12.52
CA ALA B 60 10.26 17.79 -11.17
C ALA B 60 11.47 17.65 -10.24
N PHE B 61 11.34 18.10 -8.97
CA PHE B 61 12.46 18.05 -8.04
C PHE B 61 12.47 16.66 -7.44
N CYS B 62 13.63 16.34 -6.88
CA CYS B 62 13.80 15.18 -6.06
C CYS B 62 12.77 15.20 -4.93
N GLY B 63 12.07 14.08 -4.78
CA GLY B 63 11.06 13.96 -3.74
C GLY B 63 9.67 14.46 -4.18
N ALA B 64 9.51 14.84 -5.46
CA ALA B 64 8.19 15.14 -6.00
C ALA B 64 7.42 13.91 -6.40
N LEU B 65 6.09 14.09 -6.46
CA LEU B 65 5.26 13.05 -7.08
C LEU B 65 5.13 13.21 -8.60
N VAL B 66 5.41 12.11 -9.30
CA VAL B 66 5.30 12.05 -10.74
C VAL B 66 4.43 10.84 -11.07
N MET B 67 4.09 10.68 -12.36
CA MET B 67 3.30 9.58 -12.87
C MET B 67 3.76 9.14 -14.27
N LYS B 68 3.30 7.93 -14.63
CA LYS B 68 3.40 7.47 -16.00
C LYS B 68 2.01 7.05 -16.40
N ILE B 69 1.71 7.24 -17.66
CA ILE B 69 0.39 6.85 -18.14
C ILE B 69 0.66 5.85 -19.26
N GLY B 70 0.29 4.59 -19.02
CA GLY B 70 0.68 3.51 -19.90
C GLY B 70 2.21 3.43 -19.90
N ASN B 71 2.78 3.42 -21.09
CA ASN B 71 4.24 3.45 -21.21
C ASN B 71 4.69 4.86 -21.62
N SER B 72 4.07 5.90 -21.05
CA SER B 72 4.58 7.25 -21.29
C SER B 72 5.90 7.35 -20.55
N GLY B 73 6.56 8.45 -20.77
CA GLY B 73 7.64 8.87 -19.89
C GLY B 73 6.99 9.46 -18.63
N THR B 74 7.86 9.89 -17.73
CA THR B 74 7.42 10.46 -16.46
C THR B 74 6.79 11.81 -16.76
N ILE B 75 5.77 12.14 -16.00
CA ILE B 75 5.07 13.37 -16.11
C ILE B 75 4.88 13.92 -14.69
N PRO B 76 5.12 15.21 -14.48
CA PRO B 76 4.99 15.76 -13.13
C PRO B 76 3.53 15.86 -12.69
N VAL B 77 3.32 15.59 -11.41
CA VAL B 77 2.04 15.68 -10.75
C VAL B 77 2.14 16.74 -9.65
N ASN B 78 3.22 16.66 -8.86
CA ASN B 78 3.41 17.56 -7.74
C ASN B 78 2.25 17.48 -6.74
N THR B 79 1.68 18.64 -6.35
CA THR B 79 0.51 18.69 -5.46
C THR B 79 -0.69 18.06 -6.14
N GLY B 80 -0.63 17.92 -7.46
CA GLY B 80 -1.82 17.49 -8.17
C GLY B 80 -2.11 18.26 -9.43
N LEU B 81 -3.21 17.89 -10.07
CA LEU B 81 -3.62 18.48 -11.33
C LEU B 81 -5.15 18.70 -11.36
N PHE B 82 -5.60 19.88 -11.82
CA PHE B 82 -7.04 20.11 -11.80
C PHE B 82 -7.62 20.03 -13.19
N ARG B 83 -8.61 19.09 -13.41
CA ARG B 83 -9.35 19.03 -14.65
C ARG B 83 -8.43 19.00 -15.87
N TRP B 84 -7.50 18.07 -15.82
CA TRP B 84 -6.33 18.04 -16.69
C TRP B 84 -6.51 17.01 -17.79
N VAL B 85 -5.97 17.36 -18.96
CA VAL B 85 -6.14 16.51 -20.12
C VAL B 85 -4.73 16.23 -20.61
N ALA B 86 -4.44 14.98 -20.84
CA ALA B 86 -3.11 14.61 -21.28
C ALA B 86 -2.83 15.06 -22.71
N PRO B 87 -1.54 15.09 -23.11
CA PRO B 87 -1.15 15.25 -24.51
C PRO B 87 -1.66 14.18 -25.47
N ASN B 88 -1.71 14.57 -26.74
CA ASN B 88 -2.13 13.66 -27.79
C ASN B 88 -1.38 12.33 -27.62
N ASN B 89 -2.13 11.23 -27.71
CA ASN B 89 -1.60 9.87 -27.79
C ASN B 89 -1.04 9.36 -26.46
N VAL B 90 -1.35 9.99 -25.34
CA VAL B 90 -0.99 9.38 -24.07
C VAL B 90 -2.21 8.62 -23.54
N GLN B 91 -2.05 7.32 -23.25
N GLN B 91 -2.05 7.33 -23.26
CA GLN B 91 -3.20 6.54 -22.82
CA GLN B 91 -3.19 6.53 -22.83
C GLN B 91 -2.69 5.36 -22.00
C GLN B 91 -2.69 5.36 -22.00
N GLY B 92 -3.51 4.97 -21.03
CA GLY B 92 -3.35 3.69 -20.35
C GLY B 92 -3.50 3.88 -18.86
N ALA B 93 -3.00 2.89 -18.12
CA ALA B 93 -3.08 2.91 -16.68
C ALA B 93 -2.11 3.91 -16.06
N ILE B 94 -2.58 4.52 -14.94
CA ILE B 94 -1.83 5.55 -14.29
C ILE B 94 -1.05 4.87 -13.17
N THR B 95 0.28 4.95 -13.25
CA THR B 95 1.17 4.61 -12.15
C THR B 95 1.76 5.87 -11.56
N LEU B 96 1.73 5.94 -10.21
CA LEU B 96 2.30 7.06 -9.49
C LEU B 96 3.63 6.64 -8.88
N ILE B 97 4.59 7.54 -8.94
CA ILE B 97 5.94 7.28 -8.44
C ILE B 97 6.57 8.47 -7.77
N TYR B 98 7.34 8.15 -6.70
CA TYR B 98 8.20 9.13 -6.06
C TYR B 98 9.46 9.39 -6.89
N ASN B 99 9.76 10.68 -7.15
CA ASN B 99 10.85 11.07 -7.99
C ASN B 99 12.18 10.93 -7.23
N ASP B 100 13.01 9.96 -7.64
CA ASP B 100 14.33 9.79 -7.05
C ASP B 100 15.24 9.13 -8.07
N VAL B 101 16.47 8.82 -7.65
CA VAL B 101 17.43 8.26 -8.60
C VAL B 101 17.31 6.77 -8.57
N PRO B 102 17.26 6.10 -9.75
CA PRO B 102 17.31 4.65 -9.78
C PRO B 102 18.35 4.01 -8.87
N GLY B 103 17.93 2.93 -8.18
CA GLY B 103 18.79 2.26 -7.22
C GLY B 103 18.94 2.92 -5.84
N THR B 104 18.35 4.13 -5.65
CA THR B 104 18.49 4.83 -4.38
C THR B 104 17.24 4.84 -3.54
N TYR B 105 16.25 4.01 -3.81
CA TYR B 105 14.99 4.18 -3.09
C TYR B 105 15.01 3.52 -1.72
N GLY B 106 16.05 2.72 -1.46
CA GLY B 106 16.08 1.91 -0.23
C GLY B 106 16.02 2.76 1.04
N ASN B 107 16.63 3.93 0.98
CA ASN B 107 16.75 4.78 2.14
C ASN B 107 15.61 5.79 2.21
N ASN B 108 14.61 5.66 1.31
CA ASN B 108 13.48 6.59 1.31
C ASN B 108 12.52 6.24 2.45
N SER B 109 11.67 7.20 2.79
CA SER B 109 10.74 7.03 3.90
C SER B 109 9.51 7.90 3.65
N GLY B 110 8.42 7.46 4.27
CA GLY B 110 7.17 8.18 4.21
C GLY B 110 6.40 7.91 2.93
N SER B 111 5.26 8.63 2.79
CA SER B 111 4.35 8.32 1.72
C SER B 111 3.51 9.55 1.42
N PHE B 112 2.97 9.63 0.20
CA PHE B 112 1.94 10.61 -0.06
C PHE B 112 0.57 9.91 -0.16
N SER B 113 -0.48 10.56 0.30
CA SER B 113 -1.86 10.16 0.11
C SER B 113 -2.34 10.87 -1.13
N VAL B 114 -2.90 10.12 -2.06
CA VAL B 114 -3.29 10.67 -3.36
C VAL B 114 -4.72 10.20 -3.68
N ASN B 115 -5.50 11.12 -4.23
CA ASN B 115 -6.79 10.85 -4.82
C ASN B 115 -6.70 11.11 -6.32
N ILE B 116 -7.39 10.31 -7.12
CA ILE B 116 -7.55 10.63 -8.53
C ILE B 116 -8.99 10.31 -8.89
N GLY B 117 -9.64 11.27 -9.54
CA GLY B 117 -10.96 10.98 -10.14
C GLY B 117 -10.99 11.36 -11.59
N LYS B 118 -11.88 10.74 -12.39
CA LYS B 118 -12.25 11.29 -13.67
C LYS B 118 -13.36 12.34 -13.45
N ASP B 119 -13.22 13.46 -14.15
CA ASP B 119 -14.15 14.59 -14.08
C ASP B 119 -15.11 14.46 -15.26
N GLN B 120 -16.12 15.34 -15.28
N GLN B 120 -16.11 15.35 -15.30
CA GLN B 120 -17.08 15.38 -16.39
CA GLN B 120 -17.08 15.34 -16.39
C GLN B 120 -16.37 15.89 -17.64
C GLN B 120 -16.41 15.91 -17.63
N SER B 121 -16.78 15.35 -18.78
CA SER B 121 -16.26 15.74 -20.07
C SER B 121 -17.34 15.61 -21.16
N ALA C 1 -18.21 16.45 -24.37
CA ALA C 1 -19.68 16.33 -24.57
C ALA C 1 -19.96 16.44 -26.08
N TRP C 2 -21.19 16.06 -26.47
CA TRP C 2 -21.55 16.01 -27.89
C TRP C 2 -23.00 16.42 -27.96
N LYS C 3 -23.34 17.18 -29.00
CA LYS C 3 -24.72 17.54 -29.25
C LYS C 3 -24.96 17.49 -30.72
N GLY C 4 -26.14 16.98 -31.10
CA GLY C 4 -26.48 16.99 -32.51
C GLY C 4 -27.87 16.46 -32.73
N GLU C 5 -28.22 16.31 -33.99
CA GLU C 5 -29.56 15.93 -34.40
C GLU C 5 -29.49 14.53 -34.98
N VAL C 6 -30.56 13.78 -34.76
CA VAL C 6 -30.67 12.45 -35.32
C VAL C 6 -31.93 12.42 -36.15
N LEU C 7 -31.74 12.26 -37.46
CA LEU C 7 -32.91 12.25 -38.34
C LEU C 7 -33.63 10.89 -38.31
N ALA C 8 -34.95 10.94 -38.40
CA ALA C 8 -35.79 9.75 -38.37
C ALA C 8 -35.59 8.95 -39.65
N ASN C 9 -35.34 9.67 -40.75
CA ASN C 9 -35.20 9.02 -42.04
C ASN C 9 -33.81 8.48 -42.35
N ASN C 10 -32.87 8.59 -41.43
CA ASN C 10 -31.52 8.14 -41.64
C ASN C 10 -31.38 6.70 -41.12
N GLU C 11 -31.30 5.75 -42.04
CA GLU C 11 -31.30 4.34 -41.65
C GLU C 11 -29.97 3.97 -40.98
N ALA C 12 -28.90 4.69 -41.30
CA ALA C 12 -27.58 4.30 -40.81
C ALA C 12 -27.36 4.87 -39.41
N GLY C 13 -28.19 5.83 -39.02
CA GLY C 13 -28.00 6.51 -37.74
C GLY C 13 -26.85 7.51 -37.82
N GLN C 14 -26.77 8.34 -36.79
CA GLN C 14 -25.87 9.45 -36.70
C GLN C 14 -24.73 9.04 -35.79
N VAL C 15 -23.52 8.98 -36.35
CA VAL C 15 -22.30 8.79 -35.59
C VAL C 15 -22.01 10.05 -34.78
N THR C 16 -21.64 9.83 -33.50
CA THR C 16 -21.23 10.90 -32.61
C THR C 16 -19.70 10.81 -32.43
N SER C 17 -19.12 11.82 -31.80
CA SER C 17 -17.72 11.90 -31.41
C SER C 17 -17.47 11.15 -30.10
N ILE C 18 -18.52 10.63 -29.42
CA ILE C 18 -18.33 10.00 -28.12
C ILE C 18 -17.82 8.58 -28.29
N ILE C 19 -16.62 8.31 -27.74
CA ILE C 19 -16.17 6.92 -27.66
C ILE C 19 -16.42 6.39 -26.24
N TYR C 20 -17.28 5.38 -26.11
CA TYR C 20 -17.60 4.78 -24.84
C TYR C 20 -16.46 3.78 -24.54
N ASN C 21 -15.80 4.00 -23.46
CA ASN C 21 -14.72 3.16 -22.98
C ASN C 21 -15.18 2.47 -21.72
N PRO C 22 -14.63 1.28 -21.46
CA PRO C 22 -14.93 0.55 -20.24
C PRO C 22 -14.84 1.40 -18.99
N GLY C 23 -15.89 1.33 -18.17
CA GLY C 23 -15.99 2.08 -16.94
C GLY C 23 -16.57 3.49 -17.12
N ASP C 24 -16.78 3.91 -18.36
CA ASP C 24 -17.34 5.24 -18.60
C ASP C 24 -18.73 5.31 -17.98
N VAL C 25 -19.04 6.47 -17.39
CA VAL C 25 -20.41 6.72 -17.00
C VAL C 25 -20.91 7.87 -17.85
N ILE C 26 -22.05 7.69 -18.50
CA ILE C 26 -22.54 8.70 -19.42
C ILE C 26 -23.99 9.11 -19.15
N THR C 27 -24.26 10.33 -19.53
CA THR C 27 -25.62 10.83 -19.53
C THR C 27 -26.00 11.26 -20.94
N ILE C 28 -27.24 10.93 -21.32
CA ILE C 28 -27.81 11.22 -22.62
C ILE C 28 -29.20 11.79 -22.38
N VAL C 29 -29.50 12.93 -23.01
CA VAL C 29 -30.82 13.55 -22.97
C VAL C 29 -31.25 13.79 -24.40
N ALA C 30 -32.43 13.28 -24.76
CA ALA C 30 -33.02 13.37 -26.09
C ALA C 30 -34.35 14.08 -25.99
N ALA C 31 -34.62 14.94 -26.99
CA ALA C 31 -35.85 15.67 -27.10
C ALA C 31 -36.28 15.78 -28.54
N GLY C 32 -37.58 16.02 -28.71
CA GLY C 32 -38.10 16.33 -30.02
C GLY C 32 -39.23 15.46 -30.50
N TRP C 33 -39.54 15.59 -31.81
CA TRP C 33 -40.69 14.96 -32.40
C TRP C 33 -40.35 14.40 -33.78
N ALA C 34 -40.65 13.10 -33.98
CA ALA C 34 -40.42 12.46 -35.26
C ALA C 34 -41.54 11.48 -35.58
N SER C 35 -41.53 10.94 -36.81
CA SER C 35 -42.55 10.02 -37.27
C SER C 35 -41.90 8.91 -38.09
N TYR C 36 -42.41 7.69 -37.91
CA TYR C 36 -41.96 6.58 -38.72
C TYR C 36 -42.87 6.44 -39.98
N GLY C 37 -43.71 7.45 -40.26
CA GLY C 37 -44.57 7.38 -41.44
C GLY C 37 -45.81 8.28 -41.37
N PRO C 38 -46.64 8.14 -40.30
CA PRO C 38 -47.84 8.93 -40.13
C PRO C 38 -47.53 10.40 -40.07
N THR C 39 -48.56 11.18 -40.34
N THR C 39 -48.56 11.18 -40.35
CA THR C 39 -48.45 12.63 -40.26
CA THR C 39 -48.46 12.63 -40.26
C THR C 39 -48.19 13.06 -38.81
C THR C 39 -48.15 13.04 -38.82
N GLN C 40 -48.76 12.36 -37.84
CA GLN C 40 -48.58 12.69 -36.44
C GLN C 40 -47.14 12.41 -36.00
N LYS C 41 -46.78 12.88 -34.82
CA LYS C 41 -45.41 12.66 -34.35
C LYS C 41 -45.36 12.08 -32.97
N TRP C 42 -44.16 11.60 -32.60
CA TRP C 42 -43.96 11.01 -31.29
C TRP C 42 -42.59 11.49 -30.77
N GLY C 43 -42.41 11.42 -29.49
CA GLY C 43 -41.14 11.70 -28.85
C GLY C 43 -40.18 10.53 -28.88
N PRO C 44 -39.06 10.69 -28.14
CA PRO C 44 -37.99 9.71 -28.15
C PRO C 44 -38.36 8.32 -27.64
N GLN C 45 -39.49 8.16 -26.93
CA GLN C 45 -40.00 6.89 -26.47
C GLN C 45 -40.80 6.17 -27.57
N GLY C 46 -41.10 6.86 -28.64
CA GLY C 46 -41.77 6.33 -29.81
C GLY C 46 -43.24 6.11 -29.55
N ASP C 47 -43.83 5.21 -30.32
CA ASP C 47 -45.27 5.01 -30.35
C ASP C 47 -45.57 3.71 -29.59
N ARG C 48 -46.13 3.84 -28.39
CA ARG C 48 -46.39 2.71 -27.52
C ARG C 48 -47.57 1.85 -27.99
N GLU C 49 -48.30 2.31 -28.99
CA GLU C 49 -49.38 1.55 -29.58
C GLU C 49 -49.01 0.80 -30.88
N HIS C 50 -47.79 0.92 -31.39
CA HIS C 50 -47.53 0.29 -32.68
C HIS C 50 -46.87 -1.08 -32.51
N PRO C 51 -47.30 -2.11 -33.25
CA PRO C 51 -46.65 -3.42 -33.08
C PRO C 51 -45.19 -3.43 -33.55
N ASP C 52 -44.44 -4.37 -32.99
CA ASP C 52 -43.11 -4.65 -33.44
C ASP C 52 -43.20 -5.62 -34.62
N GLN C 53 -42.89 -5.13 -35.79
CA GLN C 53 -42.93 -5.97 -36.99
C GLN C 53 -41.55 -6.10 -37.66
N GLY C 54 -40.50 -6.17 -36.83
CA GLY C 54 -39.13 -6.27 -37.30
C GLY C 54 -38.27 -5.04 -37.00
N LEU C 55 -38.48 -4.37 -35.83
CA LEU C 55 -37.72 -3.19 -35.53
C LEU C 55 -36.25 -3.57 -35.37
N ILE C 56 -35.38 -2.61 -35.62
CA ILE C 56 -33.95 -2.83 -35.36
C ILE C 56 -33.68 -3.01 -33.85
N CYS C 57 -34.59 -2.52 -32.98
CA CYS C 57 -34.44 -2.76 -31.56
C CYS C 57 -35.77 -3.25 -30.99
N HIS C 58 -35.81 -4.55 -30.56
CA HIS C 58 -37.02 -5.19 -30.12
C HIS C 58 -37.35 -4.85 -28.69
N ASP C 59 -36.45 -4.12 -28.00
CA ASP C 59 -36.68 -3.66 -26.65
C ASP C 59 -37.11 -2.18 -26.58
N ALA C 60 -37.41 -1.50 -27.69
CA ALA C 60 -38.00 -0.19 -27.64
C ALA C 60 -39.12 -0.09 -28.69
N PHE C 61 -40.01 0.90 -28.53
CA PHE C 61 -41.16 1.09 -29.39
C PHE C 61 -40.68 1.57 -30.75
N CYS C 62 -41.51 1.35 -31.76
CA CYS C 62 -41.29 1.93 -33.08
C CYS C 62 -41.24 3.46 -32.95
N GLY C 63 -40.21 4.15 -33.47
CA GLY C 63 -40.13 5.62 -33.37
C GLY C 63 -39.34 6.09 -32.14
N ALA C 64 -38.85 5.17 -31.34
CA ALA C 64 -37.95 5.49 -30.23
C ALA C 64 -36.50 5.70 -30.68
N LEU C 65 -35.75 6.47 -29.86
CA LEU C 65 -34.31 6.62 -30.07
C LEU C 65 -33.59 5.42 -29.44
N VAL C 66 -32.67 4.79 -30.19
CA VAL C 66 -31.87 3.70 -29.71
C VAL C 66 -30.45 4.04 -30.06
N MET C 67 -29.52 3.14 -29.74
CA MET C 67 -28.11 3.38 -30.07
C MET C 67 -27.32 2.09 -30.24
N LYS C 68 -26.15 2.21 -30.89
CA LYS C 68 -25.15 1.17 -30.82
C LYS C 68 -23.89 1.78 -30.24
N ILE C 69 -23.14 0.99 -29.50
CA ILE C 69 -21.84 1.40 -29.03
C ILE C 69 -20.83 0.53 -29.79
N GLY C 70 -19.98 1.14 -30.63
CA GLY C 70 -19.27 0.32 -31.60
C GLY C 70 -20.21 -0.58 -32.39
N ASN C 71 -19.92 -1.89 -32.47
CA ASN C 71 -20.79 -2.82 -33.18
C ASN C 71 -21.61 -3.65 -32.21
N SER C 72 -22.11 -3.01 -31.17
CA SER C 72 -23.01 -3.63 -30.23
C SER C 72 -24.30 -3.96 -30.96
N GLY C 73 -25.13 -4.77 -30.32
CA GLY C 73 -26.55 -4.82 -30.66
C GLY C 73 -27.20 -3.49 -30.28
N THR C 74 -28.40 -3.27 -30.75
CA THR C 74 -29.13 -2.04 -30.42
C THR C 74 -29.42 -1.96 -28.93
N ILE C 75 -29.35 -0.74 -28.38
CA ILE C 75 -29.60 -0.44 -26.97
C ILE C 75 -30.60 0.73 -26.89
N PRO C 76 -31.71 0.55 -26.16
CA PRO C 76 -32.68 1.65 -25.97
C PRO C 76 -32.08 2.85 -25.28
N VAL C 77 -32.48 4.03 -25.78
CA VAL C 77 -32.09 5.34 -25.25
C VAL C 77 -33.33 6.02 -24.75
N ASN C 78 -34.39 6.02 -25.61
CA ASN C 78 -35.61 6.68 -25.29
C ASN C 78 -35.35 8.16 -24.99
N THR C 79 -35.86 8.69 -23.85
CA THR C 79 -35.70 10.04 -23.48
C THR C 79 -34.30 10.26 -22.99
N GLY C 80 -33.59 9.21 -22.67
CA GLY C 80 -32.22 9.39 -22.19
C GLY C 80 -31.76 8.37 -21.20
N LEU C 81 -30.52 8.59 -20.68
CA LEU C 81 -29.93 7.65 -19.76
C LEU C 81 -29.13 8.46 -18.73
N PHE C 82 -29.39 8.22 -17.45
CA PHE C 82 -28.81 9.00 -16.38
C PHE C 82 -27.65 8.27 -15.68
N ARG C 83 -26.44 8.79 -15.81
CA ARG C 83 -25.27 8.20 -15.17
C ARG C 83 -25.23 6.69 -15.40
N TRP C 84 -25.20 6.35 -16.70
CA TRP C 84 -25.31 5.00 -17.12
C TRP C 84 -23.96 4.37 -17.45
N VAL C 85 -23.92 3.06 -17.29
CA VAL C 85 -22.74 2.25 -17.57
C VAL C 85 -23.13 1.11 -18.50
N ALA C 86 -22.30 0.85 -19.52
CA ALA C 86 -22.71 -0.10 -20.54
C ALA C 86 -22.49 -1.54 -20.10
N PRO C 87 -23.14 -2.52 -20.73
CA PRO C 87 -22.77 -3.94 -20.48
C PRO C 87 -21.31 -4.31 -20.72
N ASN C 88 -20.85 -5.38 -20.05
CA ASN C 88 -19.49 -5.84 -20.26
C ASN C 88 -19.21 -6.07 -21.76
N ASN C 89 -17.98 -5.78 -22.19
CA ASN C 89 -17.59 -6.00 -23.58
C ASN C 89 -18.13 -4.93 -24.54
N VAL C 90 -19.07 -4.06 -24.07
CA VAL C 90 -19.56 -3.05 -24.97
C VAL C 90 -18.63 -1.81 -24.95
N GLN C 91 -18.14 -1.39 -26.13
CA GLN C 91 -17.24 -0.24 -26.24
C GLN C 91 -17.09 0.21 -27.67
N GLY C 92 -16.68 1.47 -27.83
CA GLY C 92 -16.59 2.08 -29.16
C GLY C 92 -17.50 3.27 -29.37
N ALA C 93 -17.51 3.78 -30.62
CA ALA C 93 -18.16 5.05 -30.92
C ALA C 93 -19.67 4.88 -30.71
N ILE C 94 -20.31 5.90 -30.17
CA ILE C 94 -21.76 5.83 -30.00
C ILE C 94 -22.42 6.31 -31.28
N THR C 95 -23.31 5.47 -31.84
CA THR C 95 -24.11 5.80 -32.98
C THR C 95 -25.57 5.80 -32.54
N LEU C 96 -26.30 6.88 -32.86
CA LEU C 96 -27.69 7.05 -32.43
C LEU C 96 -28.54 6.74 -33.65
N ILE C 97 -29.61 6.00 -33.47
CA ILE C 97 -30.48 5.59 -34.58
C ILE C 97 -31.94 5.63 -34.16
N TYR C 98 -32.80 6.06 -35.11
CA TYR C 98 -34.24 5.95 -34.96
C TYR C 98 -34.72 4.52 -35.13
N ASN C 99 -35.58 4.04 -34.23
CA ASN C 99 -35.98 2.65 -34.25
C ASN C 99 -37.12 2.46 -35.26
N ASP C 100 -36.81 1.75 -36.37
CA ASP C 100 -37.82 1.47 -37.39
C ASP C 100 -37.52 0.10 -37.96
N VAL C 101 -38.40 -0.37 -38.84
CA VAL C 101 -38.23 -1.59 -39.53
C VAL C 101 -37.26 -1.30 -40.70
N PRO C 102 -36.23 -2.13 -40.89
CA PRO C 102 -35.28 -1.98 -42.00
C PRO C 102 -35.98 -1.87 -43.35
N GLY C 103 -35.63 -0.85 -44.12
CA GLY C 103 -36.12 -0.60 -45.45
C GLY C 103 -37.40 0.23 -45.51
N THR C 104 -37.92 0.63 -44.34
CA THR C 104 -39.07 1.50 -44.23
C THR C 104 -38.72 2.92 -43.77
N TYR C 105 -37.42 3.31 -43.81
CA TYR C 105 -37.01 4.61 -43.25
C TYR C 105 -37.44 5.75 -44.19
N GLY C 106 -37.75 5.40 -45.45
CA GLY C 106 -37.91 6.45 -46.46
C GLY C 106 -39.16 7.28 -46.28
N ASN C 107 -40.17 6.84 -45.51
CA ASN C 107 -41.34 7.66 -45.23
C ASN C 107 -41.25 8.30 -43.86
N ASN C 108 -40.02 8.38 -43.29
CA ASN C 108 -39.90 8.93 -41.96
C ASN C 108 -39.66 10.44 -42.08
N SER C 109 -39.92 11.16 -40.98
CA SER C 109 -39.70 12.58 -40.92
C SER C 109 -39.42 13.01 -39.49
N GLY C 110 -38.92 14.26 -39.36
CA GLY C 110 -38.51 14.83 -38.11
C GLY C 110 -37.16 14.31 -37.62
N SER C 111 -36.86 14.68 -36.36
CA SER C 111 -35.53 14.46 -35.81
C SER C 111 -35.60 14.62 -34.31
N PHE C 112 -34.60 14.08 -33.61
CA PHE C 112 -34.44 14.38 -32.20
C PHE C 112 -33.11 15.10 -31.96
N SER C 113 -33.10 16.02 -31.00
CA SER C 113 -31.90 16.75 -30.62
C SER C 113 -31.34 16.00 -29.44
N VAL C 114 -30.05 15.67 -29.44
CA VAL C 114 -29.52 14.79 -28.38
C VAL C 114 -28.21 15.40 -27.85
N ASN C 115 -28.03 15.37 -26.52
CA ASN C 115 -26.78 15.69 -25.85
C ASN C 115 -26.25 14.39 -25.24
N ILE C 116 -24.93 14.18 -25.30
CA ILE C 116 -24.28 13.13 -24.57
C ILE C 116 -23.09 13.74 -23.84
N GLY C 117 -22.85 13.40 -22.58
CA GLY C 117 -21.55 13.71 -22.02
C GLY C 117 -21.05 12.61 -21.09
N LYS C 118 -19.76 12.62 -20.70
CA LYS C 118 -19.30 11.66 -19.75
C LYS C 118 -19.33 12.31 -18.38
N ASP C 119 -19.63 11.51 -17.41
CA ASP C 119 -19.84 12.02 -16.07
C ASP C 119 -18.65 11.71 -15.15
N GLN C 120 -18.64 12.40 -14.00
CA GLN C 120 -17.60 12.18 -13.03
C GLN C 120 -17.64 10.72 -12.63
N SER C 121 -16.47 10.17 -12.34
CA SER C 121 -16.34 8.83 -11.87
C SER C 121 -15.13 8.72 -10.94
N ALA D 1 -27.75 13.13 -5.74
CA ALA D 1 -28.79 13.16 -6.79
C ALA D 1 -30.09 12.74 -6.16
N TRP D 2 -31.19 12.87 -6.95
CA TRP D 2 -32.53 12.58 -6.57
C TRP D 2 -33.18 11.76 -7.69
N LYS D 3 -33.83 10.69 -7.26
CA LYS D 3 -34.61 9.87 -8.16
C LYS D 3 -35.97 9.64 -7.57
N GLY D 4 -37.01 9.73 -8.38
CA GLY D 4 -38.36 9.58 -7.87
C GLY D 4 -39.38 9.57 -8.96
N GLU D 5 -40.61 9.42 -8.54
CA GLU D 5 -41.75 9.35 -9.45
C GLU D 5 -42.54 10.64 -9.27
N VAL D 6 -43.10 11.17 -10.35
CA VAL D 6 -43.98 12.34 -10.28
C VAL D 6 -45.33 11.88 -10.80
N LEU D 7 -46.33 11.85 -9.94
CA LEU D 7 -47.63 11.39 -10.34
C LEU D 7 -48.32 12.53 -11.13
N ALA D 8 -49.01 12.13 -12.20
CA ALA D 8 -49.71 13.11 -13.02
C ALA D 8 -50.92 13.72 -12.32
N ASN D 9 -51.49 12.99 -11.35
CA ASN D 9 -52.67 13.48 -10.63
C ASN D 9 -52.27 14.30 -9.41
N ASN D 10 -50.99 14.58 -9.26
CA ASN D 10 -50.51 15.30 -8.10
C ASN D 10 -50.44 16.79 -8.45
N GLU D 11 -51.46 17.53 -8.01
CA GLU D 11 -51.58 18.92 -8.40
C GLU D 11 -50.47 19.71 -7.74
N ALA D 12 -50.14 19.41 -6.49
CA ALA D 12 -49.16 20.22 -5.78
C ALA D 12 -47.76 19.98 -6.34
N GLY D 13 -47.49 18.82 -6.89
CA GLY D 13 -46.16 18.53 -7.45
C GLY D 13 -45.30 17.87 -6.41
N GLN D 14 -44.20 17.31 -6.92
CA GLN D 14 -43.29 16.52 -6.10
C GLN D 14 -42.05 17.35 -5.81
N VAL D 15 -41.78 17.59 -4.53
CA VAL D 15 -40.59 18.33 -4.15
C VAL D 15 -39.41 17.36 -4.09
N THR D 16 -38.30 17.68 -4.75
CA THR D 16 -37.15 16.80 -4.74
C THR D 16 -36.28 17.18 -3.57
N SER D 17 -35.11 16.51 -3.42
CA SER D 17 -34.03 16.77 -2.53
C SER D 17 -33.09 17.86 -3.08
N ILE D 18 -33.37 18.35 -4.28
CA ILE D 18 -32.42 19.24 -4.92
C ILE D 18 -32.75 20.70 -4.57
N ILE D 19 -31.79 21.43 -3.99
CA ILE D 19 -31.97 22.86 -3.89
C ILE D 19 -31.07 23.54 -4.92
N TYR D 20 -31.70 24.32 -5.78
CA TYR D 20 -30.98 24.98 -6.83
C TYR D 20 -30.40 26.27 -6.30
N ASN D 21 -29.06 26.41 -6.41
CA ASN D 21 -28.38 27.63 -6.01
C ASN D 21 -27.74 28.32 -7.23
N PRO D 22 -27.59 29.64 -7.17
CA PRO D 22 -26.91 30.36 -8.26
C PRO D 22 -25.62 29.70 -8.68
N GLY D 23 -25.47 29.54 -10.00
CA GLY D 23 -24.25 28.99 -10.58
C GLY D 23 -24.38 27.48 -10.79
N ASP D 24 -25.33 26.83 -10.11
CA ASP D 24 -25.43 25.38 -10.22
C ASP D 24 -25.74 24.96 -11.66
N VAL D 25 -25.26 23.78 -11.98
CA VAL D 25 -25.50 23.16 -13.27
C VAL D 25 -26.15 21.85 -12.95
N ILE D 26 -27.31 21.62 -13.54
CA ILE D 26 -28.08 20.40 -13.30
C ILE D 26 -28.41 19.66 -14.59
N THR D 27 -28.56 18.35 -14.41
CA THR D 27 -29.13 17.51 -15.45
C THR D 27 -30.37 16.78 -14.94
N ILE D 28 -31.40 16.76 -15.79
CA ILE D 28 -32.66 16.05 -15.54
C ILE D 28 -32.88 15.10 -16.70
N VAL D 29 -33.25 13.83 -16.38
CA VAL D 29 -33.79 12.87 -17.33
C VAL D 29 -35.15 12.40 -16.82
N ALA D 30 -36.20 12.54 -17.67
CA ALA D 30 -37.54 12.06 -17.40
C ALA D 30 -38.00 10.98 -18.38
N ALA D 31 -38.62 9.89 -17.88
CA ALA D 31 -39.18 8.81 -18.70
C ALA D 31 -40.58 8.43 -18.23
N GLY D 32 -41.29 7.70 -19.08
CA GLY D 32 -42.55 7.14 -18.75
C GLY D 32 -43.71 7.81 -19.46
N TRP D 33 -44.85 7.38 -18.98
CA TRP D 33 -46.09 7.61 -19.68
C TRP D 33 -47.17 8.03 -18.69
N ALA D 34 -47.94 9.07 -19.05
CA ALA D 34 -49.02 9.50 -18.18
C ALA D 34 -50.15 10.10 -19.03
N SER D 35 -51.25 10.46 -18.35
CA SER D 35 -52.41 11.07 -19.02
C SER D 35 -53.01 12.17 -18.19
N TYR D 36 -53.54 13.18 -18.88
CA TYR D 36 -54.39 14.19 -18.27
C TYR D 36 -55.89 13.85 -18.29
N GLY D 37 -56.31 12.63 -18.69
CA GLY D 37 -57.74 12.34 -18.80
C GLY D 37 -58.00 11.09 -19.61
N PRO D 38 -57.62 11.12 -20.90
CA PRO D 38 -57.83 9.99 -21.82
C PRO D 38 -57.25 8.64 -21.42
N THR D 39 -57.78 7.63 -22.08
CA THR D 39 -57.21 6.30 -21.93
C THR D 39 -55.82 6.20 -22.60
N GLN D 40 -55.51 7.10 -23.55
CA GLN D 40 -54.20 7.19 -24.16
C GLN D 40 -53.20 7.76 -23.17
N LYS D 41 -51.92 7.61 -23.48
CA LYS D 41 -50.89 8.22 -22.65
C LYS D 41 -49.85 8.88 -23.54
N TRP D 42 -49.10 9.81 -22.91
CA TRP D 42 -48.04 10.55 -23.53
C TRP D 42 -46.80 10.50 -22.61
N GLY D 43 -45.66 10.62 -23.27
CA GLY D 43 -44.37 10.94 -22.61
C GLY D 43 -44.25 12.36 -22.02
N PRO D 44 -43.06 12.65 -21.48
CA PRO D 44 -42.80 13.87 -20.72
C PRO D 44 -42.89 15.15 -21.49
N GLN D 45 -42.92 15.09 -22.85
CA GLN D 45 -43.22 16.28 -23.64
C GLN D 45 -44.74 16.55 -23.77
N GLY D 46 -45.56 15.63 -23.28
CA GLY D 46 -47.01 15.80 -23.32
C GLY D 46 -47.60 15.55 -24.72
N ASP D 47 -48.80 16.15 -24.92
CA ASP D 47 -49.71 15.96 -26.07
C ASP D 47 -49.65 17.21 -26.94
N ARG D 48 -48.88 17.14 -28.04
CA ARG D 48 -48.59 18.26 -28.89
C ARG D 48 -49.86 18.62 -29.66
N GLU D 49 -50.95 17.84 -29.55
CA GLU D 49 -52.19 18.25 -30.21
C GLU D 49 -53.23 18.88 -29.28
N HIS D 50 -52.98 18.89 -27.98
CA HIS D 50 -53.99 19.38 -27.05
C HIS D 50 -53.88 20.90 -26.93
N PRO D 51 -55.02 21.59 -26.79
CA PRO D 51 -55.01 23.05 -26.55
C PRO D 51 -54.40 23.43 -25.21
N ASP D 52 -53.81 24.64 -25.17
CA ASP D 52 -53.55 25.33 -23.91
C ASP D 52 -54.73 26.21 -23.50
N GLN D 53 -55.58 25.76 -22.59
CA GLN D 53 -56.66 26.62 -22.12
C GLN D 53 -56.56 26.89 -20.61
N GLY D 54 -55.35 27.15 -20.10
CA GLY D 54 -55.15 27.46 -18.69
C GLY D 54 -54.09 26.53 -18.03
N LEU D 55 -53.15 26.03 -18.83
CA LEU D 55 -52.14 25.11 -18.31
C LEU D 55 -51.28 25.86 -17.30
N ILE D 56 -50.77 25.17 -16.26
CA ILE D 56 -49.91 25.87 -15.32
C ILE D 56 -48.65 26.37 -16.00
N CYS D 57 -48.27 25.75 -17.13
CA CYS D 57 -47.10 26.24 -17.84
C CYS D 57 -47.46 26.43 -19.30
N HIS D 58 -47.48 27.71 -19.72
CA HIS D 58 -47.94 28.01 -21.04
C HIS D 58 -46.82 27.71 -22.03
N ASP D 59 -45.63 27.37 -21.59
CA ASP D 59 -44.56 27.17 -22.54
C ASP D 59 -44.32 25.69 -22.86
N ALA D 60 -45.17 24.82 -22.33
CA ALA D 60 -45.12 23.38 -22.63
C ALA D 60 -46.52 22.85 -22.90
N PHE D 61 -46.61 21.60 -23.36
CA PHE D 61 -47.89 20.99 -23.74
C PHE D 61 -48.53 20.41 -22.47
N CYS D 62 -49.85 20.26 -22.54
CA CYS D 62 -50.67 19.49 -21.63
C CYS D 62 -50.04 18.10 -21.52
N GLY D 63 -49.66 17.73 -20.29
CA GLY D 63 -49.10 16.43 -20.08
C GLY D 63 -47.58 16.39 -20.08
N ALA D 64 -46.95 17.54 -20.22
CA ALA D 64 -45.50 17.60 -20.12
C ALA D 64 -45.05 17.75 -18.67
N LEU D 65 -43.79 17.38 -18.42
CA LEU D 65 -43.18 17.60 -17.12
C LEU D 65 -42.69 19.03 -17.07
N VAL D 66 -43.03 19.75 -15.98
CA VAL D 66 -42.50 21.09 -15.74
C VAL D 66 -41.94 21.17 -14.31
N MET D 67 -41.35 22.31 -13.95
CA MET D 67 -40.82 22.47 -12.61
C MET D 67 -40.99 23.90 -12.11
N LYS D 68 -40.91 23.99 -10.78
CA LYS D 68 -40.66 25.23 -10.12
C LYS D 68 -39.37 25.14 -9.29
N ILE D 69 -38.61 26.25 -9.29
CA ILE D 69 -37.43 26.36 -8.46
C ILE D 69 -37.74 27.40 -7.40
N GLY D 70 -37.79 26.94 -6.15
CA GLY D 70 -38.32 27.81 -5.11
C GLY D 70 -39.70 28.36 -5.46
N ASN D 71 -39.85 29.67 -5.42
CA ASN D 71 -41.13 30.29 -5.75
C ASN D 71 -41.16 30.80 -7.20
N SER D 72 -40.28 30.31 -8.09
CA SER D 72 -40.34 30.68 -9.50
C SER D 72 -41.71 30.39 -10.10
N GLY D 73 -41.91 30.87 -11.30
CA GLY D 73 -43.06 30.34 -12.03
C GLY D 73 -42.57 29.04 -12.66
N THR D 74 -43.39 28.47 -13.51
CA THR D 74 -43.10 27.15 -14.03
C THR D 74 -42.03 27.30 -15.13
N ILE D 75 -41.22 26.25 -15.27
CA ILE D 75 -40.20 26.13 -16.30
C ILE D 75 -40.38 24.77 -16.97
N PRO D 76 -40.37 24.69 -18.31
CA PRO D 76 -40.37 23.37 -18.94
C PRO D 76 -39.15 22.52 -18.63
N VAL D 77 -39.42 21.24 -18.47
CA VAL D 77 -38.44 20.17 -18.37
C VAL D 77 -38.56 19.19 -19.55
N ASN D 78 -39.81 18.75 -19.83
CA ASN D 78 -40.03 17.82 -20.93
C ASN D 78 -39.21 16.55 -20.63
N THR D 79 -38.46 16.03 -21.61
CA THR D 79 -37.65 14.83 -21.52
C THR D 79 -36.50 15.09 -20.54
N GLY D 80 -36.17 16.36 -20.29
CA GLY D 80 -35.06 16.66 -19.46
C GLY D 80 -34.29 17.88 -19.86
N LEU D 81 -33.18 18.13 -19.12
CA LEU D 81 -32.30 19.26 -19.34
C LEU D 81 -30.86 18.82 -19.18
N PHE D 82 -30.00 19.20 -20.09
CA PHE D 82 -28.62 18.74 -20.04
C PHE D 82 -27.70 19.87 -19.59
N ARG D 83 -27.04 19.70 -18.43
CA ARG D 83 -26.08 20.66 -17.91
C ARG D 83 -26.57 22.09 -18.02
N TRP D 84 -27.76 22.30 -17.48
CA TRP D 84 -28.49 23.51 -17.55
C TRP D 84 -28.25 24.43 -16.35
N VAL D 85 -28.26 25.71 -16.64
CA VAL D 85 -28.18 26.75 -15.64
C VAL D 85 -29.42 27.62 -15.73
N ALA D 86 -29.91 27.99 -14.58
CA ALA D 86 -31.17 28.65 -14.53
C ALA D 86 -31.00 30.14 -14.86
N PRO D 87 -32.12 30.79 -15.19
CA PRO D 87 -32.20 32.27 -15.15
C PRO D 87 -31.82 32.92 -13.83
N ASN D 88 -31.51 34.20 -13.95
CA ASN D 88 -31.01 34.95 -12.84
C ASN D 88 -32.08 35.04 -11.76
N ASN D 89 -31.64 35.03 -10.51
CA ASN D 89 -32.54 35.20 -9.38
C ASN D 89 -33.49 34.03 -9.16
N VAL D 90 -33.30 32.87 -9.81
CA VAL D 90 -34.04 31.66 -9.43
C VAL D 90 -33.29 30.81 -8.43
N GLN D 91 -33.91 30.52 -7.28
CA GLN D 91 -33.23 29.69 -6.31
C GLN D 91 -34.23 29.00 -5.41
N GLY D 92 -33.85 27.81 -4.91
CA GLY D 92 -34.62 27.08 -3.94
C GLY D 92 -34.81 25.63 -4.34
N ALA D 93 -35.73 24.98 -3.64
CA ALA D 93 -35.95 23.56 -3.87
C ALA D 93 -36.61 23.37 -5.26
N ILE D 94 -36.27 22.29 -5.92
CA ILE D 94 -36.93 21.95 -7.21
C ILE D 94 -38.19 21.15 -6.96
N THR D 95 -39.33 21.67 -7.47
CA THR D 95 -40.58 20.93 -7.42
C THR D 95 -41.00 20.53 -8.82
N LEU D 96 -41.26 19.24 -9.00
CA LEU D 96 -41.58 18.70 -10.31
C LEU D 96 -43.12 18.58 -10.34
N ILE D 97 -43.69 19.04 -11.44
CA ILE D 97 -45.16 18.95 -11.60
C ILE D 97 -45.55 18.54 -13.00
N TYR D 98 -46.64 17.77 -13.10
CA TYR D 98 -47.35 17.49 -14.36
C TYR D 98 -48.11 18.73 -14.87
N ASN D 99 -47.95 19.06 -16.16
CA ASN D 99 -48.52 20.28 -16.73
C ASN D 99 -49.98 20.04 -17.12
N ASP D 100 -50.91 20.57 -16.32
CA ASP D 100 -52.34 20.45 -16.59
C ASP D 100 -53.01 21.74 -16.09
N VAL D 101 -54.33 21.81 -16.23
CA VAL D 101 -55.09 23.00 -15.91
C VAL D 101 -55.48 22.87 -14.43
N PRO D 102 -55.33 23.95 -13.66
CA PRO D 102 -55.70 23.93 -12.26
C PRO D 102 -57.13 23.42 -12.05
N GLY D 103 -57.26 22.49 -11.09
CA GLY D 103 -58.56 21.88 -10.83
C GLY D 103 -58.91 20.62 -11.60
N THR D 104 -58.10 20.19 -12.60
CA THR D 104 -58.38 19.04 -13.41
C THR D 104 -57.48 17.86 -13.18
N TYR D 105 -56.68 17.82 -12.10
CA TYR D 105 -55.72 16.72 -11.88
C TYR D 105 -56.41 15.41 -11.52
N GLY D 106 -57.65 15.50 -11.03
CA GLY D 106 -58.35 14.33 -10.52
C GLY D 106 -58.53 13.18 -11.51
N ASN D 107 -58.69 13.46 -12.80
CA ASN D 107 -58.84 12.38 -13.77
C ASN D 107 -57.51 11.96 -14.41
N ASN D 108 -56.38 12.48 -13.89
CA ASN D 108 -55.05 12.12 -14.41
C ASN D 108 -54.62 10.73 -13.98
N SER D 109 -53.64 10.16 -14.69
CA SER D 109 -53.19 8.82 -14.38
C SER D 109 -51.74 8.65 -14.85
N GLY D 110 -51.04 7.74 -14.18
CA GLY D 110 -49.66 7.47 -14.52
C GLY D 110 -48.68 8.42 -13.84
N SER D 111 -47.41 8.34 -14.27
CA SER D 111 -46.32 8.93 -13.52
C SER D 111 -45.11 8.99 -14.44
N PHE D 112 -44.19 9.91 -14.15
CA PHE D 112 -42.92 9.90 -14.85
C PHE D 112 -41.87 9.52 -13.85
N SER D 113 -40.85 8.83 -14.32
CA SER D 113 -39.73 8.50 -13.46
C SER D 113 -38.68 9.54 -13.75
N VAL D 114 -38.10 10.13 -12.70
CA VAL D 114 -37.22 11.25 -12.96
C VAL D 114 -35.94 11.16 -12.13
N ASN D 115 -34.82 11.39 -12.79
CA ASN D 115 -33.49 11.57 -12.21
C ASN D 115 -33.09 13.04 -12.30
N ILE D 116 -32.59 13.65 -11.19
CA ILE D 116 -31.97 14.99 -11.19
C ILE D 116 -30.63 14.89 -10.46
N GLY D 117 -29.58 15.43 -11.05
CA GLY D 117 -28.29 15.53 -10.36
C GLY D 117 -27.66 16.89 -10.61
N LYS D 118 -26.88 17.36 -9.62
CA LYS D 118 -26.05 18.51 -9.88
C LYS D 118 -24.77 18.02 -10.57
N ASP D 119 -24.35 18.83 -11.53
CA ASP D 119 -23.20 18.53 -12.32
C ASP D 119 -22.01 19.31 -11.77
N GLN D 120 -20.86 18.97 -12.31
CA GLN D 120 -19.66 19.74 -12.02
C GLN D 120 -19.84 21.16 -12.58
N SER D 121 -19.32 22.12 -11.80
CA SER D 121 -19.33 23.53 -12.16
C SER D 121 -18.09 24.25 -11.59
N ALA E 1 20.83 -5.17 15.43
CA ALA E 1 22.28 -5.39 15.54
C ALA E 1 22.89 -4.01 15.68
N TRP E 2 23.99 -3.99 16.40
CA TRP E 2 24.71 -2.76 16.56
C TRP E 2 26.19 -3.13 16.48
N LYS E 3 26.98 -2.23 15.91
CA LYS E 3 28.41 -2.40 15.88
C LYS E 3 29.01 -1.04 16.22
N GLY E 4 30.06 -1.02 17.03
CA GLY E 4 30.70 0.26 17.35
C GLY E 4 31.94 0.07 18.21
N GLU E 5 32.56 1.18 18.58
CA GLU E 5 33.75 1.12 19.39
C GLU E 5 33.42 1.58 20.81
N VAL E 6 34.12 1.01 21.78
CA VAL E 6 33.94 1.38 23.17
C VAL E 6 35.29 1.88 23.61
N LEU E 7 35.38 3.21 23.82
CA LEU E 7 36.61 3.82 24.28
C LEU E 7 36.87 3.55 25.75
N ALA E 8 38.13 3.21 26.04
CA ALA E 8 38.60 2.86 27.37
C ALA E 8 38.52 4.02 28.35
N ASN E 9 38.57 5.23 27.78
CA ASN E 9 38.59 6.42 28.60
C ASN E 9 37.20 7.01 28.78
N ASN E 10 36.18 6.33 28.23
CA ASN E 10 34.82 6.83 28.40
C ASN E 10 34.15 6.27 29.65
N GLU E 11 34.10 7.06 30.70
CA GLU E 11 33.67 6.55 31.99
C GLU E 11 32.16 6.28 32.00
N ALA E 12 31.41 7.10 31.27
CA ALA E 12 29.95 6.98 31.30
C ALA E 12 29.50 5.77 30.44
N GLY E 13 30.36 5.32 29.53
CA GLY E 13 30.04 4.16 28.71
C GLY E 13 29.45 4.57 27.37
N GLN E 14 29.57 3.63 26.42
CA GLN E 14 28.98 3.73 25.10
C GLN E 14 27.56 3.15 25.08
N VAL E 15 26.60 4.02 24.73
CA VAL E 15 25.20 3.62 24.66
C VAL E 15 25.01 2.93 23.32
N THR E 16 24.33 1.76 23.30
CA THR E 16 24.09 1.02 22.08
C THR E 16 22.65 1.28 21.60
N SER E 17 22.36 0.82 20.37
CA SER E 17 21.00 0.90 19.87
C SER E 17 20.18 -0.30 20.35
N ILE E 18 20.75 -1.20 21.16
CA ILE E 18 20.04 -2.39 21.53
C ILE E 18 19.22 -2.15 22.82
N ILE E 19 17.95 -2.54 22.82
CA ILE E 19 17.10 -2.54 24.01
C ILE E 19 16.73 -4.01 24.32
N TYR E 20 17.34 -4.50 25.39
CA TYR E 20 17.12 -5.88 25.78
C TYR E 20 15.70 -5.98 26.31
N ASN E 21 14.90 -6.89 25.71
CA ASN E 21 13.54 -7.14 26.16
C ASN E 21 13.43 -8.55 26.73
N PRO E 22 12.49 -8.76 27.69
CA PRO E 22 12.23 -10.07 28.24
C PRO E 22 12.14 -11.13 27.14
N GLY E 23 12.85 -12.24 27.32
CA GLY E 23 12.80 -13.35 26.37
C GLY E 23 13.95 -13.20 25.34
N ASP E 24 14.56 -12.01 25.25
CA ASP E 24 15.58 -11.80 24.21
C ASP E 24 16.81 -12.68 24.43
N VAL E 25 17.34 -13.18 23.30
CA VAL E 25 18.56 -13.92 23.27
C VAL E 25 19.54 -13.10 22.46
N ILE E 26 20.73 -12.83 23.00
CA ILE E 26 21.66 -11.98 22.29
C ILE E 26 23.08 -12.57 22.21
N THR E 27 23.83 -12.08 21.23
CA THR E 27 25.21 -12.50 21.08
C THR E 27 26.04 -11.23 20.94
N ILE E 28 27.20 -11.23 21.59
CA ILE E 28 28.12 -10.10 21.60
C ILE E 28 29.47 -10.67 21.28
N VAL E 29 30.22 -9.97 20.42
CA VAL E 29 31.57 -10.30 20.12
C VAL E 29 32.35 -9.01 20.24
N ALA E 30 33.39 -9.07 21.05
CA ALA E 30 34.27 -7.94 21.32
C ALA E 30 35.71 -8.28 20.96
N ALA E 31 36.36 -7.32 20.34
CA ALA E 31 37.74 -7.50 19.86
C ALA E 31 38.58 -6.28 20.14
N GLY E 32 39.91 -6.46 20.20
CA GLY E 32 40.79 -5.30 20.23
C GLY E 32 41.62 -5.15 21.51
N TRP E 33 42.30 -3.99 21.61
CA TRP E 33 43.32 -3.74 22.59
C TRP E 33 43.13 -2.38 23.24
N ALA E 34 43.32 -2.35 24.56
CA ALA E 34 43.13 -1.13 25.32
C ALA E 34 43.96 -1.19 26.60
N SER E 35 44.02 -0.03 27.28
CA SER E 35 44.84 0.16 28.49
C SER E 35 44.12 1.02 29.53
N TYR E 36 44.27 0.62 30.77
CA TYR E 36 43.76 1.34 31.94
C TYR E 36 44.81 2.30 32.48
N GLY E 37 45.88 2.48 31.68
CA GLY E 37 46.92 3.39 32.11
C GLY E 37 48.30 3.04 31.55
N PRO E 38 48.81 1.83 31.80
CA PRO E 38 50.14 1.45 31.29
C PRO E 38 50.34 1.53 29.79
N THR E 39 51.59 1.45 29.39
CA THR E 39 51.93 1.49 27.99
C THR E 39 51.62 0.13 27.37
N GLN E 40 51.43 -0.97 28.14
CA GLN E 40 51.04 -2.24 27.53
C GLN E 40 49.54 -2.21 27.21
N LYS E 41 49.04 -3.26 26.54
CA LYS E 41 47.62 -3.30 26.24
C LYS E 41 47.05 -4.68 26.49
N TRP E 42 45.73 -4.74 26.75
CA TRP E 42 45.12 -6.02 27.06
C TRP E 42 43.86 -6.12 26.21
N GLY E 43 43.36 -7.36 26.16
CA GLY E 43 42.15 -7.63 25.38
C GLY E 43 40.92 -7.44 26.25
N PRO E 44 39.76 -7.81 25.69
CA PRO E 44 38.51 -7.56 26.38
C PRO E 44 38.31 -8.24 27.72
N GLN E 45 39.11 -9.29 28.04
CA GLN E 45 39.06 -9.97 29.32
C GLN E 45 39.89 -9.23 30.39
N GLY E 46 40.60 -8.22 29.93
CA GLY E 46 41.33 -7.32 30.84
C GLY E 46 42.67 -7.94 31.29
N ASP E 47 43.16 -7.42 32.41
CA ASP E 47 44.47 -7.80 32.98
C ASP E 47 44.24 -8.71 34.18
N ARG E 48 44.42 -10.03 33.96
CA ARG E 48 44.21 -10.98 35.04
C ARG E 48 45.13 -10.81 36.25
N GLU E 49 46.16 -9.98 36.12
CA GLU E 49 47.19 -9.84 37.15
C GLU E 49 46.94 -8.60 38.01
N HIS E 50 46.02 -7.72 37.63
CA HIS E 50 45.92 -6.52 38.43
C HIS E 50 44.93 -6.77 39.57
N PRO E 51 45.18 -6.36 40.86
CA PRO E 51 44.13 -6.49 41.90
C PRO E 51 42.91 -5.56 41.63
N ASP E 52 41.77 -5.92 42.23
CA ASP E 52 40.59 -5.08 42.16
C ASP E 52 40.66 -4.08 43.32
N GLN E 53 40.95 -2.81 42.99
CA GLN E 53 41.05 -1.73 43.98
C GLN E 53 39.82 -0.80 43.94
N GLY E 54 38.68 -1.32 43.40
CA GLY E 54 37.39 -0.62 43.44
C GLY E 54 36.79 -0.45 42.04
N LEU E 55 36.92 -1.50 41.24
CA LEU E 55 36.49 -1.49 39.86
C LEU E 55 34.97 -1.30 39.86
N ILE E 56 34.42 -0.82 38.77
CA ILE E 56 32.96 -0.83 38.64
C ILE E 56 32.36 -2.23 38.58
N CYS E 57 33.15 -3.22 38.13
CA CYS E 57 32.65 -4.58 38.04
C CYS E 57 33.66 -5.49 38.75
N HIS E 58 33.32 -5.92 39.97
CA HIS E 58 34.13 -6.84 40.75
C HIS E 58 34.08 -8.27 40.23
N ASP E 59 33.33 -8.57 39.16
CA ASP E 59 33.28 -9.92 38.62
C ASP E 59 34.03 -9.98 37.28
N ALA E 60 34.81 -8.94 36.99
CA ALA E 60 35.71 -8.92 35.84
C ALA E 60 37.06 -8.29 36.21
N PHE E 61 38.08 -8.48 35.35
CA PHE E 61 39.40 -7.92 35.61
C PHE E 61 39.33 -6.47 35.17
N CYS E 62 40.25 -5.70 35.73
CA CYS E 62 40.56 -4.35 35.32
C CYS E 62 40.94 -4.38 33.84
N GLY E 63 40.32 -3.51 33.02
CA GLY E 63 40.49 -3.44 31.56
C GLY E 63 39.55 -4.36 30.76
N ALA E 64 38.70 -5.10 31.47
CA ALA E 64 37.69 -5.92 30.79
C ALA E 64 36.52 -5.11 30.26
N LEU E 65 35.78 -5.69 29.30
CA LEU E 65 34.56 -5.08 28.79
C LEU E 65 33.39 -5.51 29.64
N VAL E 66 32.63 -4.54 30.17
CA VAL E 66 31.43 -4.89 30.91
C VAL E 66 30.24 -4.18 30.28
N MET E 67 29.02 -4.41 30.81
CA MET E 67 27.84 -3.66 30.38
C MET E 67 26.87 -3.40 31.49
N LYS E 68 25.92 -2.49 31.24
CA LYS E 68 24.75 -2.39 32.08
C LYS E 68 23.55 -2.49 31.17
N ILE E 69 22.49 -3.13 31.64
CA ILE E 69 21.28 -3.20 30.88
C ILE E 69 20.20 -2.48 31.67
N GLY E 70 19.70 -1.34 31.18
CA GLY E 70 18.67 -0.66 31.91
C GLY E 70 19.27 -0.34 33.26
N ASN E 71 18.54 -0.61 34.35
CA ASN E 71 18.99 -0.17 35.68
C ASN E 71 19.83 -1.23 36.41
N SER E 72 20.46 -2.15 35.67
CA SER E 72 21.13 -3.29 36.21
C SER E 72 22.44 -2.81 36.82
N GLY E 73 22.99 -3.69 37.61
CA GLY E 73 24.40 -3.61 37.93
C GLY E 73 25.27 -3.90 36.72
N THR E 74 26.58 -3.72 36.90
CA THR E 74 27.53 -4.12 35.85
C THR E 74 27.52 -5.64 35.68
N ILE E 75 27.61 -6.12 34.41
CA ILE E 75 27.63 -7.51 34.10
C ILE E 75 28.81 -7.73 33.14
N PRO E 76 29.66 -8.74 33.40
CA PRO E 76 30.81 -8.98 32.56
C PRO E 76 30.41 -9.39 31.16
N VAL E 77 31.15 -8.90 30.18
CA VAL E 77 31.00 -9.25 28.79
C VAL E 77 32.30 -9.92 28.32
N ASN E 78 33.44 -9.29 28.61
CA ASN E 78 34.72 -9.89 28.26
C ASN E 78 34.77 -10.05 26.76
N THR E 79 35.20 -11.19 26.25
CA THR E 79 35.32 -11.38 24.80
C THR E 79 33.94 -11.46 24.15
N GLY E 80 32.91 -11.59 24.96
CA GLY E 80 31.58 -11.70 24.40
C GLY E 80 30.66 -12.71 25.05
N LEU E 81 29.40 -12.78 24.53
CA LEU E 81 28.43 -13.69 25.06
C LEU E 81 27.68 -14.38 23.91
N PHE E 82 27.54 -15.70 24.01
CA PHE E 82 26.91 -16.46 22.94
C PHE E 82 25.49 -16.87 23.32
N ARG E 83 24.49 -16.37 22.53
CA ARG E 83 23.15 -16.84 22.72
C ARG E 83 22.79 -16.72 24.17
N TRP E 84 22.90 -15.49 24.67
CA TRP E 84 22.79 -15.22 26.07
C TRP E 84 21.43 -14.66 26.41
N VAL E 85 20.99 -15.00 27.61
CA VAL E 85 19.74 -14.46 28.16
C VAL E 85 20.05 -13.81 29.50
N ALA E 86 19.40 -12.71 29.77
CA ALA E 86 19.72 -11.92 30.94
C ALA E 86 19.17 -12.51 32.21
N PRO E 87 19.71 -12.09 33.37
CA PRO E 87 19.12 -12.49 34.66
C PRO E 87 17.69 -11.98 34.78
N ASN E 88 16.93 -12.62 35.68
CA ASN E 88 15.57 -12.18 35.98
C ASN E 88 15.53 -10.68 36.26
N ASN E 89 14.45 -10.08 35.76
CA ASN E 89 14.06 -8.66 35.87
C ASN E 89 15.02 -7.69 35.17
N VAL E 90 15.97 -8.18 34.36
CA VAL E 90 16.99 -7.29 33.79
C VAL E 90 16.51 -6.94 32.40
N GLN E 91 16.35 -5.63 32.10
CA GLN E 91 15.89 -5.24 30.78
C GLN E 91 16.15 -3.76 30.55
N GLY E 92 16.25 -3.35 29.27
CA GLY E 92 16.45 -1.97 28.89
C GLY E 92 17.66 -1.81 27.99
N ALA E 93 18.08 -0.58 27.83
CA ALA E 93 19.13 -0.21 26.90
C ALA E 93 20.44 -0.81 27.40
N ILE E 94 21.20 -1.35 26.46
CA ILE E 94 22.51 -1.85 26.78
C ILE E 94 23.51 -0.71 26.60
N THR E 95 24.27 -0.45 27.67
CA THR E 95 25.42 0.45 27.59
C THR E 95 26.67 -0.39 27.82
N LEU E 96 27.68 -0.16 26.98
CA LEU E 96 28.93 -0.94 27.13
C LEU E 96 29.98 -0.07 27.81
N ILE E 97 30.79 -0.65 28.69
CA ILE E 97 31.78 0.13 29.43
C ILE E 97 33.10 -0.63 29.64
N TYR E 98 34.23 0.11 29.64
CA TYR E 98 35.52 -0.42 30.08
C TYR E 98 35.65 -0.45 31.61
N ASN E 99 36.00 -1.62 32.20
CA ASN E 99 36.06 -1.80 33.64
C ASN E 99 37.31 -1.13 34.20
N ASP E 100 37.09 -0.07 35.00
CA ASP E 100 38.19 0.60 35.66
C ASP E 100 37.69 1.13 37.02
N VAL E 101 38.60 1.82 37.72
CA VAL E 101 38.24 2.50 38.96
C VAL E 101 37.66 3.87 38.64
N PRO E 102 36.51 4.22 39.26
CA PRO E 102 35.89 5.52 39.07
C PRO E 102 36.84 6.63 39.41
N GLY E 103 36.81 7.63 38.51
CA GLY E 103 37.74 8.71 38.61
C GLY E 103 39.11 8.44 37.98
N THR E 104 39.40 7.16 37.57
CA THR E 104 40.72 6.88 37.03
C THR E 104 40.69 6.69 35.50
N TYR E 105 39.62 7.11 34.83
CA TYR E 105 39.48 6.82 33.41
C TYR E 105 40.30 7.72 32.47
N GLY E 106 40.80 8.82 32.97
CA GLY E 106 41.46 9.82 32.13
C GLY E 106 42.80 9.35 31.58
N ASN E 107 43.49 8.37 32.22
CA ASN E 107 44.79 7.90 31.75
C ASN E 107 44.64 6.65 30.90
N ASN E 108 43.39 6.32 30.53
CA ASN E 108 43.11 5.11 29.77
C ASN E 108 43.34 5.39 28.27
N SER E 109 43.53 4.32 27.49
CA SER E 109 43.70 4.50 26.06
C SER E 109 43.18 3.29 25.27
N GLY E 110 42.91 3.52 24.00
CA GLY E 110 42.48 2.44 23.12
C GLY E 110 40.96 2.23 23.23
N SER E 111 40.53 1.18 22.54
CA SER E 111 39.13 0.91 22.32
C SER E 111 38.97 -0.57 21.96
N PHE E 112 37.74 -1.06 22.15
CA PHE E 112 37.27 -2.35 21.71
C PHE E 112 36.22 -2.13 20.66
N SER E 113 36.28 -2.94 19.60
CA SER E 113 35.32 -3.00 18.53
C SER E 113 34.25 -4.04 18.88
N VAL E 114 32.94 -3.69 18.92
CA VAL E 114 31.97 -4.61 19.46
C VAL E 114 30.78 -4.78 18.53
N ASN E 115 30.29 -6.03 18.43
CA ASN E 115 29.10 -6.33 17.67
C ASN E 115 28.09 -6.90 18.65
N ILE E 116 26.83 -6.46 18.55
CA ILE E 116 25.76 -7.06 19.32
C ILE E 116 24.63 -7.35 18.32
N GLY E 117 24.10 -8.55 18.39
CA GLY E 117 22.82 -8.81 17.70
C GLY E 117 21.86 -9.63 18.53
N LYS E 118 20.60 -9.64 18.11
CA LYS E 118 19.61 -10.50 18.69
C LYS E 118 19.51 -11.79 17.88
N ASP E 119 19.42 -12.90 18.61
CA ASP E 119 19.37 -14.22 18.01
C ASP E 119 17.90 -14.64 17.83
N GLN E 120 17.72 -15.73 17.09
CA GLN E 120 16.44 -16.35 16.86
C GLN E 120 15.95 -16.88 18.18
N SER E 121 14.65 -16.77 18.38
CA SER E 121 13.97 -17.17 19.59
C SER E 121 12.53 -17.45 19.18
N ALA F 1 24.67 -25.94 16.77
CA ALA F 1 25.87 -25.27 17.34
C ALA F 1 26.87 -26.29 17.88
N TRP F 2 28.02 -25.77 18.26
CA TRP F 2 29.06 -26.58 18.88
C TRP F 2 29.63 -25.75 20.02
N LYS F 3 29.91 -26.43 21.14
CA LYS F 3 30.66 -25.86 22.23
C LYS F 3 31.70 -26.84 22.71
N GLY F 4 32.89 -26.31 23.02
CA GLY F 4 33.89 -27.20 23.55
C GLY F 4 35.12 -26.44 23.97
N GLU F 5 36.15 -27.18 24.38
CA GLU F 5 37.40 -26.60 24.84
C GLU F 5 38.46 -26.85 23.76
N VAL F 6 39.33 -25.88 23.57
CA VAL F 6 40.48 -26.03 22.69
C VAL F 6 41.76 -25.93 23.52
N LEU F 7 42.46 -27.06 23.69
CA LEU F 7 43.66 -27.08 24.54
C LEU F 7 44.85 -26.42 23.84
N ALA F 8 45.53 -25.54 24.57
CA ALA F 8 46.70 -24.93 23.98
C ALA F 8 47.74 -25.95 23.53
N ASN F 9 47.81 -27.15 24.14
CA ASN F 9 48.90 -28.07 23.82
C ASN F 9 48.50 -29.10 22.77
N ASN F 10 47.38 -28.88 22.10
CA ASN F 10 46.89 -29.84 21.15
C ASN F 10 47.32 -29.36 19.76
N GLU F 11 48.49 -29.86 19.32
CA GLU F 11 49.11 -29.43 18.08
C GLU F 11 48.16 -29.69 16.91
N ALA F 12 47.46 -30.80 16.95
CA ALA F 12 46.59 -31.17 15.82
C ALA F 12 45.28 -30.37 15.81
N GLY F 13 44.96 -29.65 16.88
CA GLY F 13 43.73 -28.89 16.92
C GLY F 13 42.55 -29.75 17.36
N GLN F 14 41.44 -29.05 17.63
CA GLN F 14 40.18 -29.65 18.01
C GLN F 14 39.19 -29.60 16.86
N VAL F 15 38.78 -30.78 16.41
CA VAL F 15 37.79 -30.84 15.34
C VAL F 15 36.44 -30.47 15.97
N THR F 16 35.67 -29.62 15.31
CA THR F 16 34.30 -29.35 15.74
C THR F 16 33.29 -30.14 14.92
N SER F 17 32.02 -30.10 15.37
CA SER F 17 30.89 -30.69 14.65
C SER F 17 30.48 -29.79 13.50
N ILE F 18 31.08 -28.60 13.36
CA ILE F 18 30.58 -27.64 12.41
C ILE F 18 31.19 -27.89 11.03
N ILE F 19 30.30 -28.12 10.05
CA ILE F 19 30.76 -28.21 8.67
C ILE F 19 30.40 -26.91 7.96
N TYR F 20 31.40 -26.16 7.53
CA TYR F 20 31.19 -24.88 6.85
C TYR F 20 30.89 -25.11 5.38
N ASN F 21 29.70 -24.66 4.96
CA ASN F 21 29.30 -24.77 3.58
C ASN F 21 29.24 -23.37 2.99
N PRO F 22 29.46 -23.25 1.66
CA PRO F 22 29.34 -21.98 0.94
C PRO F 22 28.03 -21.27 1.29
N GLY F 23 28.16 -19.97 1.63
CA GLY F 23 27.03 -19.10 1.92
C GLY F 23 26.77 -19.09 3.42
N ASP F 24 27.38 -20.01 4.17
CA ASP F 24 27.10 -20.12 5.58
C ASP F 24 27.55 -18.86 6.31
N VAL F 25 26.79 -18.50 7.32
CA VAL F 25 27.12 -17.35 8.10
C VAL F 25 27.26 -17.94 9.48
N ILE F 26 28.39 -17.66 10.14
CA ILE F 26 28.65 -18.28 11.42
C ILE F 26 29.06 -17.21 12.42
N THR F 27 28.91 -17.55 13.69
CA THR F 27 29.39 -16.71 14.77
C THR F 27 30.24 -17.58 15.69
N ILE F 28 31.43 -17.09 16.09
CA ILE F 28 32.29 -17.75 17.04
C ILE F 28 32.55 -16.82 18.21
N VAL F 29 32.38 -17.27 19.44
CA VAL F 29 32.85 -16.52 20.61
C VAL F 29 33.84 -17.41 21.34
N ALA F 30 35.05 -16.88 21.61
CA ALA F 30 36.08 -17.56 22.32
C ALA F 30 36.47 -16.81 23.60
N ALA F 31 36.68 -17.58 24.66
CA ALA F 31 37.00 -17.02 25.96
C ALA F 31 38.07 -17.83 26.66
N GLY F 32 38.75 -17.17 27.61
CA GLY F 32 39.62 -17.90 28.55
C GLY F 32 41.10 -17.52 28.39
N TRP F 33 41.96 -18.34 29.00
CA TRP F 33 43.34 -17.99 29.26
C TRP F 33 44.24 -19.19 28.98
N ALA F 34 45.26 -19.02 28.14
CA ALA F 34 46.18 -20.14 27.93
C ALA F 34 47.62 -19.65 27.80
N SER F 35 48.55 -20.61 27.69
CA SER F 35 49.97 -20.28 27.60
C SER F 35 50.70 -21.10 26.53
N TYR F 36 51.68 -20.46 25.86
CA TYR F 36 52.56 -21.19 24.92
C TYR F 36 53.83 -21.69 25.61
N GLY F 37 53.90 -21.63 26.95
CA GLY F 37 55.09 -22.03 27.71
C GLY F 37 55.20 -21.30 29.05
N PRO F 38 55.30 -19.96 29.09
CA PRO F 38 55.47 -19.24 30.34
C PRO F 38 54.40 -19.47 31.42
N THR F 39 54.70 -19.05 32.65
CA THR F 39 53.72 -19.06 33.72
C THR F 39 52.58 -18.09 33.44
N GLN F 40 52.83 -16.97 32.75
CA GLN F 40 51.80 -16.02 32.44
C GLN F 40 50.76 -16.64 31.49
N LYS F 41 49.54 -16.08 31.46
N LYS F 41 49.54 -16.09 31.47
CA LYS F 41 48.51 -16.56 30.53
CA LYS F 41 48.51 -16.56 30.54
C LYS F 41 47.98 -15.42 29.66
C LYS F 41 47.98 -15.42 29.66
N TRP F 42 47.51 -15.77 28.46
CA TRP F 42 46.97 -14.75 27.53
C TRP F 42 45.63 -15.22 26.99
N GLY F 43 44.84 -14.23 26.61
CA GLY F 43 43.49 -14.36 26.03
C GLY F 43 43.54 -14.89 24.61
N PRO F 44 42.37 -15.02 23.93
CA PRO F 44 42.42 -15.61 22.60
C PRO F 44 43.03 -14.75 21.50
N GLN F 45 43.35 -13.49 21.80
CA GLN F 45 44.13 -12.70 20.83
C GLN F 45 45.62 -12.91 21.01
N GLY F 46 45.98 -13.64 22.04
CA GLY F 46 47.34 -14.10 22.19
C GLY F 46 48.23 -12.99 22.78
N ASP F 47 49.53 -13.21 22.62
CA ASP F 47 50.56 -12.33 23.18
C ASP F 47 51.09 -11.35 22.09
N ARG F 48 50.70 -10.05 22.16
CA ARG F 48 51.01 -9.10 21.10
C ARG F 48 52.46 -8.65 21.20
N GLU F 49 53.18 -9.10 22.24
CA GLU F 49 54.60 -8.80 22.41
C GLU F 49 55.48 -9.92 21.87
N HIS F 50 54.89 -11.09 21.57
CA HIS F 50 55.71 -12.24 21.23
C HIS F 50 56.08 -12.14 19.77
N PRO F 51 57.34 -12.47 19.39
CA PRO F 51 57.67 -12.50 17.97
C PRO F 51 57.01 -13.66 17.22
N ASP F 52 56.83 -13.46 15.93
CA ASP F 52 56.41 -14.59 15.10
C ASP F 52 57.67 -15.17 14.43
N GLN F 53 58.12 -16.35 14.90
CA GLN F 53 59.23 -17.11 14.35
C GLN F 53 58.74 -18.54 14.07
N GLY F 54 57.81 -18.69 13.12
CA GLY F 54 57.41 -20.00 12.66
C GLY F 54 56.01 -20.40 13.08
N LEU F 55 55.15 -19.39 13.37
CA LEU F 55 53.80 -19.64 13.82
C LEU F 55 53.02 -20.31 12.68
N ILE F 56 52.05 -21.15 13.04
CA ILE F 56 51.21 -21.77 12.03
C ILE F 56 50.36 -20.70 11.35
N CYS F 57 50.08 -19.54 12.01
CA CYS F 57 49.29 -18.48 11.43
C CYS F 57 50.02 -17.16 11.59
N HIS F 58 50.39 -16.58 10.43
CA HIS F 58 51.20 -15.39 10.38
C HIS F 58 50.30 -14.14 10.46
N ASP F 59 48.97 -14.29 10.54
CA ASP F 59 48.06 -13.17 10.61
C ASP F 59 47.50 -12.96 12.04
N ALA F 60 48.06 -13.64 13.02
CA ALA F 60 47.63 -13.54 14.43
C ALA F 60 48.83 -13.78 15.31
N PHE F 61 48.68 -13.47 16.59
CA PHE F 61 49.82 -13.53 17.48
C PHE F 61 49.99 -14.95 17.99
N CYS F 62 51.17 -15.16 18.54
CA CYS F 62 51.50 -16.34 19.29
C CYS F 62 50.50 -16.45 20.43
N GLY F 63 49.83 -17.61 20.59
CA GLY F 63 48.85 -17.79 21.69
C GLY F 63 47.41 -17.38 21.33
N ALA F 64 47.20 -16.89 20.12
CA ALA F 64 45.83 -16.66 19.64
C ALA F 64 45.12 -17.91 19.16
N LEU F 65 43.79 -17.84 19.16
CA LEU F 65 43.02 -18.91 18.56
C LEU F 65 42.92 -18.74 17.05
N VAL F 66 43.11 -19.83 16.32
CA VAL F 66 42.95 -19.77 14.86
C VAL F 66 42.12 -20.94 14.40
N MET F 67 41.77 -20.97 13.10
CA MET F 67 41.06 -22.15 12.61
C MET F 67 41.50 -22.51 11.19
N LYS F 68 41.25 -23.80 10.87
CA LYS F 68 41.17 -24.29 9.50
C LYS F 68 39.74 -24.76 9.18
N ILE F 69 39.35 -24.54 7.93
CA ILE F 69 38.05 -24.96 7.40
C ILE F 69 38.34 -25.85 6.21
N GLY F 70 38.14 -27.16 6.40
CA GLY F 70 38.59 -28.11 5.42
C GLY F 70 40.11 -28.11 5.31
N ASN F 71 40.62 -28.14 4.09
CA ASN F 71 42.05 -28.03 3.81
C ASN F 71 42.47 -26.57 3.64
N SER F 72 41.76 -25.62 4.29
CA SER F 72 42.22 -24.24 4.19
C SER F 72 43.58 -24.04 4.90
N GLY F 73 44.18 -22.90 4.58
CA GLY F 73 45.23 -22.33 5.40
C GLY F 73 44.60 -21.97 6.74
N THR F 74 45.41 -21.43 7.63
CA THR F 74 44.96 -20.97 8.92
C THR F 74 44.30 -19.60 8.73
N ILE F 75 43.20 -19.40 9.46
CA ILE F 75 42.41 -18.22 9.43
C ILE F 75 42.30 -17.71 10.87
N PRO F 76 42.63 -16.43 11.11
CA PRO F 76 42.47 -15.88 12.44
C PRO F 76 41.04 -15.94 12.99
N VAL F 77 40.92 -16.32 14.25
CA VAL F 77 39.66 -16.32 15.01
C VAL F 77 39.72 -15.31 16.13
N ASN F 78 40.78 -15.41 16.96
CA ASN F 78 40.93 -14.50 18.06
C ASN F 78 39.79 -14.59 19.08
N THR F 79 39.22 -13.44 19.49
CA THR F 79 38.06 -13.37 20.38
C THR F 79 36.81 -13.97 19.75
N GLY F 80 36.78 -14.02 18.44
CA GLY F 80 35.66 -14.59 17.76
C GLY F 80 35.37 -13.89 16.44
N LEU F 81 34.26 -14.30 15.80
CA LEU F 81 33.84 -13.71 14.55
C LEU F 81 32.31 -13.55 14.55
N PHE F 82 31.84 -12.39 14.14
CA PHE F 82 30.41 -12.11 14.23
C PHE F 82 29.78 -12.14 12.84
N ARG F 83 28.83 -13.06 12.64
CA ARG F 83 28.05 -13.12 11.42
C ARG F 83 28.98 -13.11 10.20
N TRP F 84 29.91 -14.05 10.21
CA TRP F 84 31.08 -14.00 9.34
C TRP F 84 30.89 -14.96 8.19
N VAL F 85 31.37 -14.57 7.00
CA VAL F 85 31.32 -15.39 5.81
C VAL F 85 32.72 -15.62 5.31
N ALA F 86 33.00 -16.88 5.01
CA ALA F 86 34.31 -17.34 4.63
C ALA F 86 34.61 -16.90 3.22
N PRO F 87 35.90 -16.76 2.83
CA PRO F 87 36.24 -16.51 1.44
C PRO F 87 35.76 -17.60 0.47
N ASN F 88 35.63 -17.19 -0.78
CA ASN F 88 35.14 -18.05 -1.85
C ASN F 88 35.89 -19.38 -1.83
N ASN F 89 35.14 -20.48 -2.01
CA ASN F 89 35.73 -21.80 -2.23
C ASN F 89 36.34 -22.39 -0.96
N VAL F 90 36.10 -21.72 0.19
CA VAL F 90 36.58 -22.31 1.42
C VAL F 90 35.44 -23.11 2.01
N GLN F 91 35.65 -24.41 2.27
CA GLN F 91 34.55 -25.18 2.84
C GLN F 91 35.00 -26.46 3.53
N GLY F 92 34.16 -27.01 4.41
CA GLY F 92 34.43 -28.29 5.08
C GLY F 92 34.46 -28.09 6.60
N ALA F 93 34.99 -29.10 7.31
CA ALA F 93 34.90 -29.15 8.75
C ALA F 93 35.74 -28.06 9.41
N ILE F 94 35.21 -27.41 10.48
CA ILE F 94 36.03 -26.43 11.20
C ILE F 94 36.88 -27.13 12.28
N THR F 95 38.21 -26.92 12.22
CA THR F 95 39.13 -27.33 13.28
C THR F 95 39.70 -26.06 13.94
N LEU F 96 39.64 -25.99 15.26
CA LEU F 96 40.17 -24.90 16.06
C LEU F 96 41.59 -25.29 16.60
N ILE F 97 42.51 -24.33 16.53
CA ILE F 97 43.91 -24.48 16.85
C ILE F 97 44.50 -23.30 17.58
N TYR F 98 45.29 -23.60 18.61
CA TYR F 98 46.09 -22.58 19.29
C TYR F 98 47.30 -22.23 18.42
N ASN F 99 47.54 -20.92 18.17
CA ASN F 99 48.66 -20.46 17.37
C ASN F 99 50.00 -20.54 18.11
N ASP F 100 50.85 -21.47 17.67
CA ASP F 100 52.18 -21.63 18.20
C ASP F 100 53.08 -22.18 17.07
N VAL F 101 54.36 -22.37 17.38
CA VAL F 101 55.35 -22.88 16.45
C VAL F 101 55.24 -24.41 16.41
N PRO F 102 55.18 -25.05 15.23
CA PRO F 102 55.14 -26.51 15.17
C PRO F 102 56.24 -27.06 16.04
N GLY F 103 55.99 -28.20 16.70
CA GLY F 103 57.07 -28.75 17.51
C GLY F 103 57.07 -28.23 18.96
N THR F 104 56.46 -27.06 19.24
CA THR F 104 56.65 -26.47 20.57
C THR F 104 55.37 -26.52 21.40
N TYR F 105 54.45 -27.43 21.06
CA TYR F 105 53.20 -27.48 21.78
C TYR F 105 53.29 -28.18 23.14
N GLY F 106 54.36 -28.94 23.39
CA GLY F 106 54.46 -29.78 24.61
C GLY F 106 54.44 -29.00 25.91
N ASN F 107 54.88 -27.76 25.83
CA ASN F 107 55.02 -26.97 27.04
C ASN F 107 53.84 -26.00 27.18
N ASN F 108 52.78 -26.19 26.37
CA ASN F 108 51.63 -25.31 26.44
C ASN F 108 50.69 -25.73 27.58
N SER F 109 49.83 -24.82 27.96
CA SER F 109 48.92 -25.09 29.06
C SER F 109 47.67 -24.23 28.86
N GLY F 110 46.58 -24.69 29.45
CA GLY F 110 45.36 -23.90 29.42
C GLY F 110 44.56 -24.23 28.19
N SER F 111 43.44 -23.54 28.07
CA SER F 111 42.49 -23.87 27.03
C SER F 111 41.57 -22.66 26.86
N PHE F 112 40.88 -22.64 25.72
CA PHE F 112 39.86 -21.67 25.43
C PHE F 112 38.52 -22.39 25.31
N SER F 113 37.50 -21.86 25.96
CA SER F 113 36.13 -22.29 25.72
C SER F 113 35.58 -21.60 24.50
N VAL F 114 35.03 -22.39 23.56
CA VAL F 114 34.59 -21.81 22.30
C VAL F 114 33.20 -22.31 21.96
N ASN F 115 32.37 -21.36 21.55
CA ASN F 115 31.05 -21.64 21.00
C ASN F 115 31.11 -21.30 19.53
N ILE F 116 30.58 -22.19 18.69
CA ILE F 116 30.28 -21.80 17.33
C ILE F 116 28.84 -22.09 16.95
N GLY F 117 28.22 -21.18 16.19
CA GLY F 117 26.92 -21.50 15.65
C GLY F 117 26.74 -20.97 14.25
N LYS F 118 25.79 -21.58 13.53
CA LYS F 118 25.38 -21.01 12.24
C LYS F 118 24.25 -20.00 12.45
N ASP F 119 24.31 -18.93 11.67
CA ASP F 119 23.40 -17.84 11.80
C ASP F 119 22.38 -18.03 10.70
N GLN F 120 21.33 -17.24 10.77
CA GLN F 120 20.38 -17.16 9.68
C GLN F 120 21.09 -16.52 8.48
N SER F 121 20.82 -17.09 7.30
CA SER F 121 21.35 -16.61 6.03
C SER F 121 20.27 -16.65 4.92
N ALA G 1 19.39 -15.75 1.89
CA ALA G 1 17.95 -15.91 1.57
C ALA G 1 17.71 -15.73 0.07
N TRP G 2 16.58 -16.22 -0.38
CA TRP G 2 16.23 -16.15 -1.78
C TRP G 2 14.80 -15.71 -1.85
N LYS G 3 14.53 -14.91 -2.86
CA LYS G 3 13.18 -14.50 -3.09
C LYS G 3 12.93 -14.50 -4.59
N GLY G 4 11.76 -15.01 -5.00
CA GLY G 4 11.39 -15.01 -6.42
C GLY G 4 9.97 -15.47 -6.68
N GLU G 5 9.64 -15.52 -7.95
CA GLU G 5 8.29 -15.91 -8.33
C GLU G 5 8.34 -17.31 -8.95
N VAL G 6 7.29 -18.09 -8.74
CA VAL G 6 7.20 -19.40 -9.36
C VAL G 6 5.96 -19.42 -10.27
N LEU G 7 6.17 -19.56 -11.59
CA LEU G 7 5.10 -19.44 -12.55
C LEU G 7 4.39 -20.78 -12.64
N ALA G 8 3.05 -20.70 -12.62
CA ALA G 8 2.25 -21.88 -12.68
C ALA G 8 2.46 -22.63 -14.00
N ASN G 9 2.87 -21.89 -15.07
CA ASN G 9 2.95 -22.50 -16.39
C ASN G 9 4.33 -23.05 -16.68
N ASN G 10 5.21 -23.01 -15.68
CA ASN G 10 6.57 -23.45 -15.90
C ASN G 10 6.66 -24.90 -15.43
N GLU G 11 6.75 -25.81 -16.40
CA GLU G 11 6.73 -27.23 -16.09
C GLU G 11 8.05 -27.65 -15.45
N ALA G 12 9.16 -26.95 -15.73
CA ALA G 12 10.42 -27.39 -15.13
C ALA G 12 10.62 -26.78 -13.76
N GLY G 13 9.78 -25.86 -13.38
CA GLY G 13 9.96 -25.27 -12.06
C GLY G 13 11.11 -24.26 -12.04
N GLN G 14 11.28 -23.56 -10.90
CA GLN G 14 12.20 -22.44 -10.81
C GLN G 14 13.33 -22.86 -9.92
N VAL G 15 14.56 -22.91 -10.44
CA VAL G 15 15.73 -23.16 -9.63
C VAL G 15 15.93 -21.93 -8.77
N THR G 16 16.23 -22.17 -7.48
CA THR G 16 16.57 -21.13 -6.52
C THR G 16 18.10 -21.15 -6.29
N SER G 17 18.57 -20.19 -5.48
CA SER G 17 19.97 -20.05 -5.08
C SER G 17 20.25 -20.87 -3.84
N ILE G 18 19.26 -21.55 -3.30
CA ILE G 18 19.47 -22.19 -2.03
C ILE G 18 20.00 -23.57 -2.31
N ILE G 19 21.18 -23.89 -1.75
CA ILE G 19 21.62 -25.28 -1.77
C ILE G 19 21.35 -25.84 -0.38
N TYR G 20 20.59 -26.94 -0.28
CA TYR G 20 20.26 -27.53 1.00
C TYR G 20 21.39 -28.53 1.31
N ASN G 21 22.06 -28.31 2.46
CA ASN G 21 23.16 -29.12 2.93
C ASN G 21 22.70 -29.87 4.15
N PRO G 22 23.27 -31.07 4.40
CA PRO G 22 22.98 -31.79 5.64
C PRO G 22 22.99 -30.88 6.87
N GLY G 23 21.90 -30.91 7.64
CA GLY G 23 21.84 -30.16 8.90
C GLY G 23 21.18 -28.78 8.74
N ASP G 24 20.90 -28.38 7.50
CA ASP G 24 20.32 -27.07 7.29
C ASP G 24 18.92 -27.04 7.88
N VAL G 25 18.59 -25.92 8.50
CA VAL G 25 17.25 -25.63 8.92
C VAL G 25 16.79 -24.50 8.02
N ILE G 26 15.67 -24.69 7.32
CA ILE G 26 15.20 -23.64 6.45
C ILE G 26 13.75 -23.31 6.72
N THR G 27 13.39 -22.09 6.35
CA THR G 27 12.00 -21.68 6.41
C THR G 27 11.62 -21.20 5.00
N ILE G 28 10.42 -21.55 4.53
CA ILE G 28 9.86 -21.08 3.27
C ILE G 28 8.49 -20.44 3.52
N VAL G 29 8.27 -19.25 2.94
CA VAL G 29 6.94 -18.68 2.95
C VAL G 29 6.51 -18.44 1.50
N ALA G 30 5.30 -18.92 1.14
CA ALA G 30 4.73 -18.80 -0.20
C ALA G 30 3.38 -18.11 -0.16
N ALA G 31 3.15 -17.21 -1.11
CA ALA G 31 1.91 -16.45 -1.15
C ALA G 31 1.47 -16.35 -2.62
N GLY G 32 0.21 -15.97 -2.79
CA GLY G 32 -0.34 -15.64 -4.09
C GLY G 32 -1.41 -16.59 -4.63
N TRP G 33 -1.71 -16.42 -5.95
CA TRP G 33 -2.86 -17.03 -6.58
C TRP G 33 -2.49 -17.47 -7.98
N ALA G 34 -2.79 -18.71 -8.26
CA ALA G 34 -2.47 -19.28 -9.56
C ALA G 34 -3.55 -20.27 -9.95
N SER G 35 -3.53 -20.73 -11.21
CA SER G 35 -4.52 -21.62 -11.78
C SER G 35 -3.87 -22.69 -12.64
N TYR G 36 -4.34 -23.90 -12.47
CA TYR G 36 -4.01 -24.93 -13.40
C TYR G 36 -4.93 -24.96 -14.62
N GLY G 37 -5.75 -23.93 -14.89
CA GLY G 37 -6.59 -24.03 -16.11
C GLY G 37 -7.90 -23.27 -15.95
N PRO G 38 -8.67 -23.50 -14.87
CA PRO G 38 -9.94 -22.79 -14.65
C PRO G 38 -9.67 -21.30 -14.54
N THR G 39 -10.73 -20.53 -14.67
CA THR G 39 -10.65 -19.09 -14.54
C THR G 39 -10.48 -18.73 -13.05
N GLN G 40 -10.92 -19.62 -12.16
CA GLN G 40 -10.73 -19.42 -10.73
C GLN G 40 -9.24 -19.49 -10.41
N LYS G 41 -8.86 -19.08 -9.19
CA LYS G 41 -7.47 -19.22 -8.78
C LYS G 41 -7.40 -19.80 -7.38
N TRP G 42 -6.22 -20.32 -7.04
CA TRP G 42 -6.09 -21.01 -5.78
C TRP G 42 -4.76 -20.56 -5.17
N GLY G 43 -4.67 -20.58 -3.85
CA GLY G 43 -3.40 -20.33 -3.17
C GLY G 43 -2.39 -21.49 -3.21
N PRO G 44 -1.28 -21.34 -2.47
CA PRO G 44 -0.17 -22.31 -2.58
C PRO G 44 -0.52 -23.71 -2.12
N GLN G 45 -1.65 -23.89 -1.41
CA GLN G 45 -2.07 -25.23 -1.02
C GLN G 45 -2.86 -25.90 -2.16
N GLY G 46 -3.18 -25.16 -3.20
CA GLY G 46 -3.89 -25.67 -4.39
C GLY G 46 -5.37 -25.86 -4.11
N ASP G 47 -5.98 -26.71 -4.91
CA ASP G 47 -7.42 -26.94 -5.03
C ASP G 47 -7.73 -28.27 -4.36
N ARG G 48 -8.30 -28.27 -3.14
CA ARG G 48 -8.47 -29.49 -2.37
C ARG G 48 -9.62 -30.36 -2.86
N GLU G 49 -10.35 -29.83 -3.85
CA GLU G 49 -11.44 -30.59 -4.46
C GLU G 49 -11.00 -31.29 -5.73
N HIS G 50 -9.82 -31.00 -6.28
CA HIS G 50 -9.46 -31.58 -7.55
C HIS G 50 -8.87 -32.96 -7.41
N PRO G 51 -9.32 -33.94 -8.25
CA PRO G 51 -8.73 -35.28 -8.24
C PRO G 51 -7.25 -35.24 -8.62
N ASP G 52 -6.53 -36.29 -8.19
CA ASP G 52 -5.14 -36.51 -8.62
C ASP G 52 -5.18 -37.38 -9.89
N GLN G 53 -4.95 -36.75 -11.03
CA GLN G 53 -4.95 -37.51 -12.29
C GLN G 53 -3.53 -37.59 -12.87
N GLY G 54 -2.52 -37.77 -12.01
CA GLY G 54 -1.13 -37.95 -12.46
C GLY G 54 -0.27 -36.72 -12.12
N LEU G 55 -0.43 -36.24 -10.91
CA LEU G 55 0.27 -35.05 -10.49
C LEU G 55 1.71 -35.44 -10.20
N ILE G 56 2.65 -34.50 -10.41
CA ILE G 56 4.07 -34.70 -10.12
C ILE G 56 4.28 -34.91 -8.62
N CYS G 57 3.34 -34.47 -7.77
CA CYS G 57 3.45 -34.77 -6.36
C CYS G 57 2.10 -35.27 -5.86
N HIS G 58 2.09 -36.56 -5.51
CA HIS G 58 0.89 -37.24 -5.05
C HIS G 58 0.51 -36.90 -3.60
N ASP G 59 1.34 -36.15 -2.87
CA ASP G 59 1.02 -35.77 -1.50
C ASP G 59 0.68 -34.29 -1.38
N ALA G 60 0.33 -33.61 -2.48
CA ALA G 60 -0.21 -32.27 -2.41
C ALA G 60 -1.22 -32.11 -3.53
N PHE G 61 -2.09 -31.10 -3.44
CA PHE G 61 -3.20 -30.96 -4.37
C PHE G 61 -2.73 -30.34 -5.67
N CYS G 62 -3.61 -30.36 -6.63
CA CYS G 62 -3.39 -29.78 -7.94
C CYS G 62 -3.34 -28.30 -7.68
N GLY G 63 -2.33 -27.62 -8.23
CA GLY G 63 -2.16 -26.20 -7.98
C GLY G 63 -1.41 -25.85 -6.68
N ALA G 64 -0.90 -26.85 -5.98
CA ALA G 64 -0.07 -26.58 -4.81
C ALA G 64 1.35 -26.31 -5.21
N LEU G 65 2.09 -25.61 -4.34
CA LEU G 65 3.55 -25.47 -4.50
C LEU G 65 4.27 -26.66 -3.89
N VAL G 66 5.16 -27.28 -4.69
CA VAL G 66 6.03 -28.33 -4.22
C VAL G 66 7.49 -27.98 -4.60
N MET G 67 8.42 -28.81 -4.16
CA MET G 67 9.79 -28.57 -4.50
C MET G 67 10.51 -29.89 -4.75
N LYS G 68 11.70 -29.75 -5.34
CA LYS G 68 12.65 -30.86 -5.28
C LYS G 68 13.96 -30.27 -4.74
N ILE G 69 14.71 -31.12 -4.08
CA ILE G 69 16.02 -30.77 -3.54
C ILE G 69 17.06 -31.69 -4.15
N GLY G 70 17.96 -31.14 -4.98
CA GLY G 70 18.83 -32.01 -5.78
C GLY G 70 17.94 -32.93 -6.58
N ASN G 71 18.18 -34.24 -6.49
CA ASN G 71 17.39 -35.26 -7.18
C ASN G 71 16.51 -36.02 -6.21
N SER G 72 15.84 -35.33 -5.28
CA SER G 72 14.81 -35.91 -4.42
C SER G 72 13.58 -36.10 -5.28
N GLY G 73 12.64 -36.89 -4.75
CA GLY G 73 11.25 -36.86 -5.18
C GLY G 73 10.60 -35.54 -4.76
N THR G 74 9.43 -35.26 -5.31
CA THR G 74 8.79 -33.98 -5.02
C THR G 74 8.43 -33.98 -3.53
N ILE G 75 8.51 -32.80 -2.91
CA ILE G 75 8.16 -32.62 -1.51
C ILE G 75 7.19 -31.47 -1.43
N PRO G 76 6.08 -31.63 -0.69
CA PRO G 76 5.17 -30.50 -0.57
C PRO G 76 5.78 -29.34 0.20
N VAL G 77 5.46 -28.12 -0.26
CA VAL G 77 5.77 -26.87 0.36
C VAL G 77 4.50 -26.19 0.83
N ASN G 78 3.49 -26.16 -0.05
CA ASN G 78 2.24 -25.51 0.26
C ASN G 78 2.44 -24.00 0.55
N THR G 79 1.93 -23.52 1.70
CA THR G 79 2.07 -22.15 2.12
C THR G 79 3.45 -21.93 2.69
N GLY G 80 4.15 -23.05 2.97
CA GLY G 80 5.51 -22.95 3.51
C GLY G 80 5.92 -24.04 4.50
N LEU G 81 7.14 -23.88 5.00
CA LEU G 81 7.73 -24.79 5.97
C LEU G 81 8.46 -23.94 7.01
N PHE G 82 8.23 -24.21 8.29
CA PHE G 82 8.83 -23.46 9.34
C PHE G 82 9.95 -24.26 10.01
N ARG G 83 11.17 -23.74 9.90
CA ARG G 83 12.36 -24.28 10.59
C ARG G 83 12.50 -25.76 10.35
N TRP G 84 12.57 -26.09 9.05
CA TRP G 84 12.38 -27.45 8.59
C TRP G 84 13.73 -28.07 8.21
N VAL G 85 13.85 -29.37 8.51
CA VAL G 85 15.01 -30.19 8.26
C VAL G 85 14.59 -31.32 7.33
N ALA G 86 15.43 -31.56 6.31
CA ALA G 86 15.07 -32.44 5.25
C ALA G 86 15.35 -33.88 5.70
N PRO G 87 14.69 -34.85 5.05
CA PRO G 87 14.96 -36.28 5.29
C PRO G 87 16.42 -36.59 5.00
N ASN G 88 16.85 -37.74 5.52
CA ASN G 88 18.22 -38.18 5.34
C ASN G 88 18.50 -38.31 3.84
N ASN G 89 19.71 -37.89 3.45
CA ASN G 89 20.24 -38.02 2.11
C ASN G 89 19.67 -36.97 1.18
N VAL G 90 18.73 -36.13 1.64
CA VAL G 90 18.13 -35.20 0.72
C VAL G 90 18.99 -33.94 0.73
N GLN G 91 19.58 -33.57 -0.42
CA GLN G 91 20.50 -32.46 -0.40
C GLN G 91 20.70 -31.97 -1.82
N GLY G 92 21.02 -30.69 -1.96
CA GLY G 92 21.24 -30.04 -3.23
C GLY G 92 20.38 -28.78 -3.45
N ALA G 93 20.32 -28.38 -4.70
CA ALA G 93 19.71 -27.12 -5.08
C ALA G 93 18.21 -27.26 -4.98
N ILE G 94 17.56 -26.23 -4.43
CA ILE G 94 16.10 -26.29 -4.33
C ILE G 94 15.47 -25.75 -5.60
N THR G 95 14.65 -26.61 -6.22
CA THR G 95 13.79 -26.20 -7.31
C THR G 95 12.34 -26.20 -6.84
N LEU G 96 11.67 -25.08 -7.02
CA LEU G 96 10.25 -24.96 -6.71
C LEU G 96 9.43 -25.19 -7.97
N ILE G 97 8.32 -25.89 -7.83
CA ILE G 97 7.50 -26.31 -8.95
C ILE G 97 6.04 -26.24 -8.53
N TYR G 98 5.18 -25.70 -9.43
CA TYR G 98 3.72 -25.84 -9.32
C TYR G 98 3.28 -27.25 -9.62
N ASN G 99 2.40 -27.79 -8.80
CA ASN G 99 2.00 -29.19 -8.88
C ASN G 99 0.89 -29.39 -9.91
N ASP G 100 1.20 -30.01 -11.05
CA ASP G 100 0.17 -30.26 -12.05
C ASP G 100 0.48 -31.58 -12.74
N VAL G 101 -0.39 -31.99 -13.69
CA VAL G 101 -0.14 -33.20 -14.41
C VAL G 101 0.86 -32.85 -15.52
N PRO G 102 1.86 -33.70 -15.77
CA PRO G 102 2.83 -33.49 -16.85
C PRO G 102 2.16 -33.34 -18.21
N GLY G 103 2.61 -32.39 -19.00
CA GLY G 103 2.00 -32.14 -20.29
C GLY G 103 0.85 -31.13 -20.23
N THR G 104 0.38 -30.69 -19.02
CA THR G 104 -0.83 -29.88 -18.95
C THR G 104 -0.50 -28.45 -18.48
N TYR G 105 0.78 -28.05 -18.44
CA TYR G 105 1.10 -26.74 -17.85
C TYR G 105 0.74 -25.57 -18.76
N GLY G 106 0.41 -25.85 -20.05
CA GLY G 106 0.31 -24.84 -21.08
C GLY G 106 -0.86 -23.91 -20.77
N ASN G 107 -1.92 -24.40 -20.11
CA ASN G 107 -3.09 -23.58 -19.82
C ASN G 107 -3.06 -22.91 -18.41
N ASN G 108 -1.93 -23.05 -17.69
CA ASN G 108 -1.86 -22.49 -16.35
C ASN G 108 -1.62 -20.99 -16.38
N SER G 109 -1.93 -20.31 -15.27
CA SER G 109 -1.62 -18.90 -15.12
C SER G 109 -1.33 -18.51 -13.66
N GLY G 110 -0.81 -17.30 -13.56
CA GLY G 110 -0.41 -16.71 -12.30
C GLY G 110 0.83 -17.41 -11.77
N SER G 111 1.12 -17.15 -10.51
CA SER G 111 2.41 -17.47 -9.96
C SER G 111 2.34 -17.27 -8.45
N PHE G 112 3.29 -17.88 -7.71
CA PHE G 112 3.39 -17.64 -6.30
C PHE G 112 4.69 -16.87 -6.01
N SER G 113 4.63 -15.86 -5.12
CA SER G 113 5.87 -15.24 -4.60
C SER G 113 6.34 -16.03 -3.41
N VAL G 114 7.66 -16.32 -3.39
CA VAL G 114 8.19 -17.23 -2.40
C VAL G 114 9.51 -16.69 -1.85
N ASN G 115 9.65 -16.77 -0.54
CA ASN G 115 10.92 -16.49 0.13
C ASN G 115 11.42 -17.79 0.71
N ILE G 116 12.75 -17.96 0.69
CA ILE G 116 13.40 -19.08 1.39
C ILE G 116 14.62 -18.54 2.11
N GLY G 117 14.84 -18.97 3.36
CA GLY G 117 16.03 -18.58 4.10
C GLY G 117 16.51 -19.72 4.96
N LYS G 118 17.80 -19.69 5.31
CA LYS G 118 18.34 -20.65 6.28
C LYS G 118 18.29 -20.06 7.68
N ASP G 119 17.87 -20.86 8.62
CA ASP G 119 17.68 -20.45 9.98
C ASP G 119 18.95 -20.79 10.79
N GLN G 120 18.97 -20.27 11.99
CA GLN G 120 20.12 -20.51 12.86
C GLN G 120 20.02 -21.97 13.31
N SER G 121 21.19 -22.56 13.42
CA SER G 121 21.44 -23.88 13.95
C SER G 121 22.64 -23.81 14.92
N ALA H 1 9.74 -19.55 20.01
CA ALA H 1 8.73 -19.66 18.95
C ALA H 1 7.43 -20.25 19.49
N TRP H 2 6.37 -20.05 18.71
CA TRP H 2 5.03 -20.42 19.12
C TRP H 2 4.40 -21.19 17.98
N LYS H 3 3.75 -22.27 18.36
CA LYS H 3 2.99 -23.05 17.40
C LYS H 3 1.58 -23.24 17.94
N GLY H 4 0.54 -23.19 17.07
CA GLY H 4 -0.77 -23.47 17.57
C GLY H 4 -1.78 -23.39 16.45
N GLU H 5 -3.01 -23.55 16.88
CA GLU H 5 -4.15 -23.61 16.00
C GLU H 5 -4.94 -22.32 16.26
N VAL H 6 -5.55 -21.79 15.22
CA VAL H 6 -6.42 -20.64 15.31
C VAL H 6 -7.77 -21.11 14.78
N LEU H 7 -8.81 -21.18 15.63
N LEU H 7 -8.81 -21.18 15.63
CA LEU H 7 -10.14 -21.57 15.16
CA LEU H 7 -10.14 -21.57 15.15
C LEU H 7 -10.86 -20.40 14.47
C LEU H 7 -10.86 -20.40 14.47
N ALA H 8 -11.52 -20.69 13.33
CA ALA H 8 -12.25 -19.69 12.54
C ALA H 8 -13.44 -19.12 13.32
N ASN H 9 -13.93 -19.87 14.27
CA ASN H 9 -15.16 -19.50 14.98
C ASN H 9 -14.84 -18.68 16.22
N ASN H 10 -13.56 -18.41 16.46
CA ASN H 10 -13.13 -17.68 17.62
C ASN H 10 -12.99 -16.18 17.30
N GLU H 11 -14.04 -15.43 17.65
CA GLU H 11 -14.10 -14.03 17.30
C GLU H 11 -13.03 -13.27 18.08
N ALA H 12 -12.75 -13.68 19.32
CA ALA H 12 -11.79 -12.93 20.14
C ALA H 12 -10.39 -13.25 19.61
N GLY H 13 -10.19 -14.37 18.89
CA GLY H 13 -8.86 -14.66 18.34
C GLY H 13 -7.89 -15.28 19.35
N GLN H 14 -6.72 -15.76 18.86
CA GLN H 14 -5.84 -16.63 19.61
C GLN H 14 -4.62 -15.81 20.04
N VAL H 15 -4.46 -15.65 21.34
CA VAL H 15 -3.29 -14.92 21.82
C VAL H 15 -2.09 -15.87 21.74
N THR H 16 -0.96 -15.40 21.22
CA THR H 16 0.20 -16.24 21.10
C THR H 16 1.13 -16.00 22.28
N SER H 17 2.27 -16.67 22.28
CA SER H 17 3.34 -16.46 23.25
C SER H 17 4.29 -15.33 22.77
N ILE H 18 4.02 -14.80 21.58
CA ILE H 18 4.95 -13.84 20.97
C ILE H 18 4.62 -12.42 21.41
N ILE H 19 5.59 -11.72 22.06
CA ILE H 19 5.43 -10.30 22.37
C ILE H 19 6.32 -9.52 21.41
N TYR H 20 5.72 -8.75 20.54
CA TYR H 20 6.43 -8.03 19.52
C TYR H 20 6.88 -6.71 20.11
N ASN H 21 8.21 -6.54 20.10
CA ASN H 21 8.85 -5.33 20.58
C ASN H 21 9.47 -4.60 19.38
N PRO H 22 9.72 -3.28 19.51
CA PRO H 22 10.33 -2.51 18.44
C PRO H 22 11.63 -3.09 17.95
N GLY H 23 11.76 -3.20 16.62
CA GLY H 23 12.98 -3.69 16.02
C GLY H 23 12.90 -5.18 15.65
N ASP H 24 11.97 -5.89 16.26
CA ASP H 24 11.93 -7.32 16.17
C ASP H 24 11.58 -7.72 14.72
N VAL H 25 12.28 -8.74 14.24
CA VAL H 25 11.99 -9.34 12.96
C VAL H 25 11.32 -10.67 13.22
N ILE H 26 10.10 -10.89 12.66
CA ILE H 26 9.47 -12.20 12.84
C ILE H 26 9.21 -12.92 11.50
N THR H 27 8.88 -14.21 11.60
CA THR H 27 8.38 -15.00 10.49
C THR H 27 7.17 -15.79 10.97
N ILE H 28 6.14 -15.82 10.13
CA ILE H 28 4.93 -16.55 10.40
C ILE H 28 4.71 -17.45 9.21
N VAL H 29 4.38 -18.72 9.49
CA VAL H 29 3.87 -19.58 8.44
C VAL H 29 2.51 -20.10 8.89
N ALA H 30 1.48 -19.99 8.02
CA ALA H 30 0.12 -20.41 8.36
C ALA H 30 -0.38 -21.40 7.34
N ALA H 31 -1.01 -22.48 7.81
CA ALA H 31 -1.46 -23.53 6.89
C ALA H 31 -2.83 -24.04 7.30
N GLY H 32 -3.51 -24.69 6.38
CA GLY H 32 -4.74 -25.37 6.66
C GLY H 32 -5.99 -24.81 5.95
N TRP H 33 -7.12 -25.28 6.43
CA TRP H 33 -8.40 -25.04 5.79
C TRP H 33 -9.50 -24.63 6.76
N ALA H 34 -10.25 -23.57 6.41
CA ALA H 34 -11.36 -23.12 7.23
C ALA H 34 -12.48 -22.50 6.41
N SER H 35 -13.61 -22.22 7.09
CA SER H 35 -14.78 -21.64 6.44
C SER H 35 -15.45 -20.57 7.29
N TYR H 36 -15.88 -19.50 6.63
CA TYR H 36 -16.72 -18.48 7.23
C TYR H 36 -18.19 -18.91 7.28
N GLY H 37 -18.56 -20.14 6.86
CA GLY H 37 -19.95 -20.54 6.93
C GLY H 37 -20.32 -21.64 5.96
N PRO H 38 -19.94 -21.53 4.67
CA PRO H 38 -20.16 -22.61 3.70
C PRO H 38 -19.47 -23.94 3.99
N THR H 39 -19.95 -24.99 3.35
CA THR H 39 -19.30 -26.29 3.46
C THR H 39 -17.93 -26.32 2.75
N GLN H 40 -17.71 -25.41 1.82
CA GLN H 40 -16.43 -25.25 1.14
C GLN H 40 -15.43 -24.67 2.15
N LYS H 41 -14.14 -24.88 1.89
N LYS H 41 -14.14 -24.88 1.89
CA LYS H 41 -13.09 -24.36 2.77
CA LYS H 41 -13.09 -24.37 2.77
C LYS H 41 -12.08 -23.60 1.94
C LYS H 41 -12.08 -23.60 1.94
N TRP H 42 -11.42 -22.64 2.60
CA TRP H 42 -10.38 -21.85 1.98
C TRP H 42 -9.14 -21.87 2.86
N GLY H 43 -7.99 -21.63 2.22
CA GLY H 43 -6.71 -21.43 2.90
C GLY H 43 -6.62 -20.06 3.58
N PRO H 44 -5.43 -19.79 4.18
CA PRO H 44 -5.18 -18.59 4.94
C PRO H 44 -5.24 -17.25 4.23
N GLN H 45 -5.22 -17.25 2.87
CA GLN H 45 -5.48 -16.02 2.15
C GLN H 45 -6.99 -15.79 1.98
N GLY H 46 -7.84 -16.78 2.32
CA GLY H 46 -9.30 -16.64 2.29
C GLY H 46 -9.96 -16.84 0.94
N ASP H 47 -11.18 -16.28 0.82
CA ASP H 47 -12.02 -16.39 -0.33
C ASP H 47 -11.97 -15.09 -1.15
N ARG H 48 -11.20 -15.08 -2.24
CA ARG H 48 -11.01 -13.85 -3.01
C ARG H 48 -12.28 -13.42 -3.75
N GLU H 49 -13.34 -14.20 -3.71
CA GLU H 49 -14.52 -13.83 -4.46
C GLU H 49 -15.59 -13.26 -3.51
N HIS H 50 -15.36 -13.39 -2.21
CA HIS H 50 -16.39 -13.03 -1.26
C HIS H 50 -16.29 -11.54 -0.98
N PRO H 51 -17.42 -10.85 -0.85
CA PRO H 51 -17.34 -9.40 -0.69
C PRO H 51 -16.77 -9.04 0.69
N ASP H 52 -16.25 -7.82 0.79
CA ASP H 52 -15.97 -7.21 2.09
C ASP H 52 -17.15 -6.32 2.53
N GLN H 53 -17.91 -6.76 3.50
CA GLN H 53 -19.01 -5.94 3.95
C GLN H 53 -18.91 -5.77 5.46
N GLY H 54 -17.75 -5.28 5.94
CA GLY H 54 -17.54 -5.06 7.37
C GLY H 54 -16.62 -6.09 8.03
N LEU H 55 -15.67 -6.65 7.27
CA LEU H 55 -14.70 -7.61 7.79
C LEU H 55 -13.89 -6.89 8.87
N ILE H 56 -13.37 -7.62 9.87
CA ILE H 56 -12.46 -6.99 10.84
C ILE H 56 -11.19 -6.43 10.19
N CYS H 57 -10.79 -6.98 9.04
CA CYS H 57 -9.67 -6.42 8.32
C CYS H 57 -10.05 -6.20 6.86
N HIS H 58 -10.09 -4.92 6.47
CA HIS H 58 -10.46 -4.50 5.13
C HIS H 58 -9.38 -4.85 4.12
N ASP H 59 -8.14 -5.05 4.53
CA ASP H 59 -7.05 -5.27 3.58
C ASP H 59 -6.76 -6.77 3.36
N ALA H 60 -7.68 -7.62 3.86
CA ALA H 60 -7.62 -9.04 3.55
C ALA H 60 -9.00 -9.61 3.25
N PHE H 61 -9.01 -10.81 2.69
CA PHE H 61 -10.26 -11.41 2.27
C PHE H 61 -11.00 -12.03 3.45
N CYS H 62 -12.28 -12.33 3.21
CA CYS H 62 -13.06 -13.08 4.16
C CYS H 62 -12.42 -14.46 4.23
N GLY H 63 -12.10 -14.95 5.42
CA GLY H 63 -11.52 -16.27 5.57
C GLY H 63 -10.01 -16.25 5.68
N ALA H 64 -9.37 -15.09 5.51
CA ALA H 64 -7.91 -14.98 5.68
C ALA H 64 -7.53 -14.88 7.16
N LEU H 65 -6.29 -15.22 7.43
CA LEU H 65 -5.68 -15.05 8.71
C LEU H 65 -5.16 -13.63 8.85
N VAL H 66 -5.52 -12.99 9.96
CA VAL H 66 -5.02 -11.67 10.26
C VAL H 66 -4.52 -11.66 11.68
N MET H 67 -3.94 -10.55 12.07
CA MET H 67 -3.44 -10.43 13.43
C MET H 67 -3.58 -9.02 14.00
N LYS H 68 -3.54 -8.98 15.33
CA LYS H 68 -3.29 -7.72 16.03
C LYS H 68 -1.98 -7.85 16.83
N ILE H 69 -1.29 -6.73 16.97
CA ILE H 69 -0.10 -6.65 17.82
C ILE H 69 -0.37 -5.64 18.92
N GLY H 70 -0.47 -6.13 20.15
CA GLY H 70 -1.06 -5.36 21.24
C GLY H 70 -2.47 -4.92 20.92
N ASN H 71 -2.71 -3.62 21.04
CA ASN H 71 -3.96 -3.07 20.57
C ASN H 71 -3.76 -2.35 19.22
N SER H 72 -3.03 -2.96 18.29
CA SER H 72 -3.01 -2.42 16.93
C SER H 72 -4.39 -2.59 16.27
N GLY H 73 -4.58 -1.95 15.13
CA GLY H 73 -5.63 -2.40 14.25
C GLY H 73 -5.17 -3.69 13.57
N THR H 74 -6.08 -4.32 12.87
CA THR H 74 -5.79 -5.57 12.16
C THR H 74 -4.72 -5.43 11.09
N ILE H 75 -3.91 -6.48 11.00
CA ILE H 75 -2.84 -6.57 10.03
C ILE H 75 -2.92 -7.89 9.28
N PRO H 76 -2.84 -7.85 7.94
CA PRO H 76 -2.89 -9.12 7.19
C PRO H 76 -1.70 -10.03 7.48
N VAL H 77 -1.98 -11.32 7.67
CA VAL H 77 -0.96 -12.35 7.73
C VAL H 77 -1.07 -13.22 6.50
N ASN H 78 -2.33 -13.65 6.16
CA ASN H 78 -2.47 -14.55 5.03
C ASN H 78 -1.65 -15.82 5.25
N THR H 79 -0.84 -16.22 4.26
CA THR H 79 -0.09 -17.47 4.35
C THR H 79 1.09 -17.32 5.28
N GLY H 80 1.44 -16.10 5.60
CA GLY H 80 2.56 -15.84 6.51
C GLY H 80 3.29 -14.57 6.12
N LEU H 81 4.39 -14.33 6.79
CA LEU H 81 5.24 -13.18 6.61
C LEU H 81 6.67 -13.62 6.85
N PHE H 82 7.57 -13.14 6.01
CA PHE H 82 8.94 -13.61 6.06
C PHE H 82 9.86 -12.49 6.52
N ARG H 83 10.53 -12.71 7.67
CA ARG H 83 11.49 -11.74 8.17
C ARG H 83 10.91 -10.34 8.13
N TRP H 84 9.73 -10.18 8.76
CA TRP H 84 8.90 -9.00 8.64
C TRP H 84 9.08 -8.09 9.85
N VAL H 85 9.11 -6.78 9.57
CA VAL H 85 9.23 -5.81 10.63
C VAL H 85 7.99 -4.94 10.63
N ALA H 86 7.52 -4.68 11.84
CA ALA H 86 6.27 -3.95 12.02
C ALA H 86 6.44 -2.46 11.73
N PRO H 87 5.33 -1.76 11.47
CA PRO H 87 5.34 -0.29 11.49
C PRO H 87 5.72 0.29 12.87
N ASN H 88 6.20 1.53 12.84
CA ASN H 88 6.59 2.18 14.10
C ASN H 88 5.38 2.18 15.04
N ASN H 89 5.69 2.14 16.33
CA ASN H 89 4.70 2.24 17.37
C ASN H 89 3.79 1.00 17.43
N VAL H 90 4.09 -0.13 16.77
CA VAL H 90 3.31 -1.30 17.09
C VAL H 90 4.04 -2.15 18.12
N GLN H 91 3.39 -2.45 19.24
CA GLN H 91 4.10 -3.31 20.17
C GLN H 91 3.10 -4.06 21.01
N GLY H 92 3.44 -5.32 21.30
CA GLY H 92 2.64 -6.09 22.22
C GLY H 92 2.43 -7.50 21.70
N ALA H 93 1.54 -8.21 22.40
CA ALA H 93 1.38 -9.61 22.18
C ALA H 93 0.65 -9.78 20.87
N ILE H 94 1.09 -10.76 20.12
CA ILE H 94 0.43 -11.01 18.86
C ILE H 94 -0.79 -11.87 19.08
N THR H 95 -1.92 -11.38 18.59
CA THR H 95 -3.16 -12.15 18.59
C THR H 95 -3.53 -12.49 17.17
N LEU H 96 -3.82 -13.79 16.92
CA LEU H 96 -4.16 -14.21 15.57
C LEU H 96 -5.67 -14.34 15.50
N ILE H 97 -6.24 -13.93 14.40
CA ILE H 97 -7.70 -14.00 14.23
C ILE H 97 -8.12 -14.28 12.78
N TYR H 98 -9.21 -15.04 12.65
CA TYR H 98 -9.87 -15.31 11.39
C TYR H 98 -10.63 -14.08 10.94
N ASN H 99 -10.42 -13.64 9.68
CA ASN H 99 -11.02 -12.42 9.17
C ASN H 99 -12.49 -12.65 8.78
N ASP H 100 -13.42 -12.12 9.56
CA ASP H 100 -14.85 -12.28 9.34
C ASP H 100 -15.61 -11.05 9.82
N VAL H 101 -16.94 -11.01 9.59
CA VAL H 101 -17.75 -9.87 9.96
C VAL H 101 -18.09 -10.04 11.44
N PRO H 102 -18.02 -8.98 12.27
CA PRO H 102 -18.43 -9.10 13.69
C PRO H 102 -19.86 -9.61 13.81
N GLY H 103 -20.05 -10.58 14.70
CA GLY H 103 -21.34 -11.19 14.93
C GLY H 103 -21.58 -12.40 14.05
N THR H 104 -20.70 -12.67 13.05
CA THR H 104 -20.97 -13.76 12.15
C THR H 104 -20.00 -14.93 12.37
N TYR H 105 -19.28 -15.02 13.51
CA TYR H 105 -18.32 -16.11 13.64
C TYR H 105 -18.96 -17.43 13.98
N GLY H 106 -20.27 -17.38 14.38
CA GLY H 106 -20.89 -18.56 14.96
C GLY H 106 -20.98 -19.70 13.96
N ASN H 107 -21.06 -19.37 12.66
CA ASN H 107 -21.25 -20.41 11.68
C ASN H 107 -19.89 -20.83 11.11
N ASN H 108 -18.79 -20.31 11.66
CA ASN H 108 -17.46 -20.66 11.12
C ASN H 108 -17.02 -22.06 11.55
N SER H 109 -16.09 -22.65 10.78
CA SER H 109 -15.56 -23.93 11.11
C SER H 109 -14.13 -24.06 10.59
N GLY H 110 -13.38 -24.96 11.22
CA GLY H 110 -12.01 -25.24 10.84
C GLY H 110 -11.04 -24.39 11.64
N SER H 111 -9.76 -24.49 11.23
CA SER H 111 -8.68 -23.92 11.99
C SER H 111 -7.49 -23.82 11.04
N PHE H 112 -6.59 -22.90 11.36
CA PHE H 112 -5.34 -22.82 10.66
C PHE H 112 -4.26 -23.18 11.68
N SER H 113 -3.30 -23.95 11.25
CA SER H 113 -2.16 -24.25 12.08
C SER H 113 -1.07 -23.22 11.79
N VAL H 114 -0.50 -22.56 12.83
CA VAL H 114 0.33 -21.37 12.64
C VAL H 114 1.60 -21.54 13.47
N ASN H 115 2.75 -21.21 12.86
CA ASN H 115 4.03 -21.16 13.57
C ASN H 115 4.47 -19.70 13.52
N ILE H 116 5.10 -19.19 14.59
CA ILE H 116 5.61 -17.85 14.61
C ILE H 116 6.92 -17.90 15.41
N GLY H 117 7.92 -17.19 14.89
CA GLY H 117 9.25 -17.15 15.49
C GLY H 117 9.82 -15.76 15.36
N LYS H 118 10.66 -15.38 16.34
CA LYS H 118 11.47 -14.20 16.14
C LYS H 118 12.75 -14.64 15.43
N ASP H 119 13.17 -13.83 14.46
CA ASP H 119 14.36 -14.07 13.67
C ASP H 119 15.54 -13.29 14.26
N GLN H 120 16.72 -13.56 13.73
CA GLN H 120 17.90 -12.78 14.09
C GLN H 120 17.72 -11.34 13.63
N SER H 121 18.14 -10.37 14.43
CA SER H 121 18.15 -8.96 14.05
C SER H 121 19.32 -8.20 14.70
#